data_5SV9
#
_entry.id   5SV9
#
_cell.length_a   1
_cell.length_b   1
_cell.length_c   1
_cell.angle_alpha   90
_cell.angle_beta   90
_cell.angle_gamma   90
#
_symmetry.space_group_name_H-M   'P 1'
#
_entity_poly.entity_id   1
_entity_poly.type   'polypeptide(L)'
_entity_poly.pdbx_seq_one_letter_code
;IWLDLKDRIPYYKSDWVDAFNYRVIPSTVDTYFNNLLPAIAFAQDMFDRTDNSYGVNEVLLSSAMAGIVFGVLAGQPLCI
VGVTGPISIFNYTVYEIIKPLNTSYFGFMFWICLWSMIFHLLLAFTNVVCLLQYVTTFPCDIFGLFINVVYIQKGIQILT
RQFHNTSGEKSVQDGFASVVVALVMTAFGLFFKSFHHYPLFTHKIRTFISDYSTALSVLFWSSFTHFGGYLNDVKFKKLP
ITKSFFPTSKFNRPQNTWLAYEPIPVKDVFIALPFGIILTILFYFDHNVSSLMAQRHQYKLRKPSSFHYDFALLGLTTCI
SGVLGIPAPNGLIPQAPLHTETLLVRDSNQNVVRCVEQRLTNTFQGLMILGTMTRPLLVCLGEIPQAVLSGLFFIMGING
LMTNVIIHRIVFLFSDPKRRDNNSPLAKISKRSMVIFLCFSLAGFTGEFAITNTIAAIGFPLVLLLSVIVSFSFTY
;
_entity_poly.pdbx_strand_id   A,B
#
# COMPACT_ATOMS: atom_id res chain seq x y z
N ILE A 1 -15.40 28.13 -40.08
CA ILE A 1 -16.35 28.09 -39.02
C ILE A 1 -17.52 27.26 -39.34
N TRP A 2 -18.04 27.39 -40.54
CA TRP A 2 -19.22 26.73 -40.97
C TRP A 2 -18.99 25.36 -41.00
N LEU A 3 -17.83 25.07 -41.43
CA LEU A 3 -17.22 23.84 -41.64
C LEU A 3 -17.15 23.11 -40.40
N ASP A 4 -16.88 23.88 -39.37
CA ASP A 4 -16.63 23.32 -38.10
C ASP A 4 -17.89 22.68 -37.69
N LEU A 5 -18.91 23.52 -37.94
CA LEU A 5 -20.26 23.30 -37.67
C LEU A 5 -20.63 22.13 -38.44
N LYS A 6 -20.11 22.13 -39.64
CA LYS A 6 -20.45 21.20 -40.61
C LYS A 6 -20.11 19.87 -40.10
N ASP A 7 -18.98 19.59 -39.42
CA ASP A 7 -18.99 18.25 -38.89
C ASP A 7 -20.03 18.10 -37.85
N ARG A 8 -20.00 19.03 -36.93
CA ARG A 8 -20.54 18.61 -35.69
C ARG A 8 -21.99 18.47 -35.71
N ILE A 9 -22.68 19.32 -36.45
CA ILE A 9 -24.10 19.27 -36.47
C ILE A 9 -24.60 17.97 -36.93
N PRO A 10 -24.05 17.31 -37.90
CA PRO A 10 -24.49 16.01 -38.28
C PRO A 10 -24.31 15.08 -37.21
N TYR A 11 -23.20 15.25 -36.59
CA TYR A 11 -22.90 14.35 -35.59
C TYR A 11 -23.79 14.49 -34.44
N TYR A 12 -24.23 15.73 -34.13
CA TYR A 12 -24.97 16.31 -33.03
C TYR A 12 -26.18 15.58 -32.78
N LYS A 13 -26.70 15.32 -33.92
CA LYS A 13 -27.90 14.71 -34.12
C LYS A 13 -27.82 13.34 -33.52
N SER A 14 -26.68 12.68 -33.59
CA SER A 14 -26.70 11.30 -33.28
C SER A 14 -26.82 10.99 -31.82
N ASP A 15 -26.41 11.97 -31.11
CA ASP A 15 -25.70 11.79 -29.89
C ASP A 15 -26.25 11.16 -28.72
N TRP A 16 -27.50 11.32 -28.63
CA TRP A 16 -28.37 10.94 -27.62
C TRP A 16 -28.45 9.49 -27.65
N VAL A 17 -28.56 9.00 -28.86
CA VAL A 17 -28.68 7.62 -29.03
C VAL A 17 -27.39 7.00 -28.72
N ASP A 18 -26.36 7.75 -29.13
CA ASP A 18 -25.01 7.32 -29.03
C ASP A 18 -24.65 7.19 -27.67
N ALA A 19 -25.30 8.04 -26.89
CA ALA A 19 -25.20 8.11 -25.51
C ALA A 19 -25.81 6.94 -24.89
N PHE A 20 -26.91 6.47 -25.50
CA PHE A 20 -27.66 5.41 -24.93
C PHE A 20 -26.88 4.13 -25.15
N ASN A 21 -26.27 3.56 -24.05
CA ASN A 21 -25.47 2.32 -24.04
C ASN A 21 -25.17 1.88 -22.56
N TYR A 22 -24.45 0.73 -22.23
CA TYR A 22 -24.27 0.30 -20.83
C TYR A 22 -22.98 0.58 -20.12
N ARG A 23 -21.89 0.95 -20.81
CA ARG A 23 -20.62 1.33 -20.20
C ARG A 23 -20.85 2.60 -19.44
N VAL A 24 -21.86 3.29 -19.97
CA VAL A 24 -22.27 4.65 -19.86
C VAL A 24 -22.57 4.95 -18.52
N ILE A 25 -23.20 3.98 -18.00
CA ILE A 25 -23.78 3.98 -16.77
C ILE A 25 -22.64 4.13 -15.85
N PRO A 26 -21.59 3.37 -15.99
CA PRO A 26 -20.50 3.62 -15.12
C PRO A 26 -19.91 4.97 -15.26
N SER A 27 -19.96 5.41 -16.49
CA SER A 27 -19.23 6.59 -16.75
C SER A 27 -19.74 7.75 -16.05
N THR A 28 -21.06 7.76 -16.10
CA THR A 28 -21.77 8.89 -15.76
C THR A 28 -21.51 9.18 -14.35
N VAL A 29 -21.55 8.13 -13.54
CA VAL A 29 -21.35 8.35 -12.15
C VAL A 29 -20.03 8.81 -11.66
N ASP A 30 -18.95 8.15 -12.13
CA ASP A 30 -17.68 8.42 -11.51
C ASP A 30 -17.42 9.84 -11.67
N THR A 31 -17.73 10.36 -12.84
CA THR A 31 -17.33 11.66 -13.20
C THR A 31 -17.74 12.71 -12.30
N TYR A 32 -18.88 12.54 -11.70
CA TYR A 32 -19.33 13.51 -10.78
C TYR A 32 -18.35 13.66 -9.70
N PHE A 33 -17.96 12.53 -9.22
CA PHE A 33 -17.09 12.55 -8.09
C PHE A 33 -15.84 13.15 -8.42
N ASN A 34 -15.48 12.80 -9.61
CA ASN A 34 -14.30 13.17 -10.20
C ASN A 34 -14.24 14.62 -10.24
N ASN A 35 -15.36 15.28 -10.45
CA ASN A 35 -15.31 16.69 -10.39
C ASN A 35 -15.16 17.13 -9.04
N LEU A 36 -15.91 16.49 -8.21
CA LEU A 36 -16.23 17.12 -7.04
C LEU A 36 -15.08 17.37 -6.28
N LEU A 37 -14.21 16.42 -6.21
CA LEU A 37 -13.06 16.73 -5.49
C LEU A 37 -12.26 17.80 -5.98
N PRO A 38 -11.90 18.00 -7.15
CA PRO A 38 -10.95 19.01 -7.46
C PRO A 38 -11.49 20.24 -7.25
N ALA A 39 -12.79 20.18 -7.45
CA ALA A 39 -13.60 21.28 -7.35
C ALA A 39 -13.44 21.67 -5.99
N ILE A 40 -13.45 20.69 -5.14
CA ILE A 40 -13.18 20.93 -3.81
C ILE A 40 -11.83 21.43 -3.68
N ALA A 41 -10.92 20.79 -4.32
CA ALA A 41 -9.61 20.90 -3.93
C ALA A 41 -9.15 22.25 -4.04
N PHE A 42 -9.39 22.78 -5.18
CA PHE A 42 -9.10 24.12 -5.37
C PHE A 42 -9.89 24.92 -4.52
N ALA A 43 -11.12 24.51 -4.32
CA ALA A 43 -11.98 25.41 -3.65
C ALA A 43 -11.48 25.78 -2.37
N GLN A 44 -10.98 24.79 -1.66
CA GLN A 44 -10.64 25.08 -0.37
C GLN A 44 -9.59 26.05 -0.30
N ASP A 45 -8.58 25.84 -1.10
CA ASP A 45 -7.59 26.86 -1.00
C ASP A 45 -8.04 28.18 -1.42
N MET A 46 -8.71 28.18 -2.51
CA MET A 46 -9.01 29.40 -3.12
C MET A 46 -9.83 30.30 -2.38
N PHE A 47 -10.84 29.70 -1.82
CA PHE A 47 -11.86 30.40 -1.17
C PHE A 47 -11.28 31.09 -0.05
N ASP A 48 -10.48 30.31 0.65
CA ASP A 48 -9.91 30.77 1.85
C ASP A 48 -9.07 31.89 1.52
N ARG A 49 -8.39 31.75 0.40
CA ARG A 49 -7.46 32.65 -0.09
C ARG A 49 -8.14 33.90 -0.33
N THR A 50 -9.35 33.84 -0.80
CA THR A 50 -9.94 35.06 -1.12
C THR A 50 -10.80 35.43 -0.03
N ASP A 51 -10.49 34.80 1.09
CA ASP A 51 -10.96 35.04 2.41
C ASP A 51 -12.33 35.16 2.27
N ASN A 52 -12.77 34.14 1.58
CA ASN A 52 -14.07 34.03 1.12
C ASN A 52 -14.22 34.90 -0.06
N SER A 53 -14.51 34.27 -1.19
CA SER A 53 -15.02 34.91 -2.37
C SER A 53 -15.70 33.83 -3.17
N TYR A 54 -15.00 33.02 -4.02
CA TYR A 54 -15.74 32.03 -4.77
C TYR A 54 -15.85 30.83 -4.00
N GLY A 55 -17.01 30.64 -3.39
CA GLY A 55 -17.24 29.58 -2.55
C GLY A 55 -17.47 28.39 -3.33
N VAL A 56 -17.95 27.40 -2.61
CA VAL A 56 -18.15 26.05 -2.99
C VAL A 56 -19.05 26.17 -4.07
N ASN A 57 -20.06 26.95 -3.80
CA ASN A 57 -21.10 27.15 -4.66
C ASN A 57 -20.57 27.70 -5.89
N GLU A 58 -19.60 28.59 -5.78
CA GLU A 58 -19.17 29.30 -6.93
C GLU A 58 -18.66 28.39 -7.87
N VAL A 59 -17.90 27.49 -7.35
CA VAL A 59 -17.60 26.40 -8.16
C VAL A 59 -18.76 25.56 -8.56
N LEU A 60 -19.63 25.30 -7.64
CA LEU A 60 -20.59 24.28 -7.81
C LEU A 60 -21.46 24.55 -8.92
N LEU A 61 -21.85 25.79 -8.94
CA LEU A 61 -22.60 26.38 -9.94
C LEU A 61 -21.80 26.39 -11.13
N SER A 62 -20.51 26.78 -10.96
CA SER A 62 -19.69 27.05 -12.08
C SER A 62 -19.69 25.87 -12.91
N SER A 63 -19.38 24.78 -12.28
CA SER A 63 -19.44 23.55 -12.91
C SER A 63 -20.80 23.17 -13.35
N ALA A 64 -21.79 23.41 -12.50
CA ALA A 64 -23.03 22.78 -12.72
C ALA A 64 -23.68 23.24 -13.94
N MET A 65 -23.81 24.58 -14.11
CA MET A 65 -24.38 25.19 -15.30
C MET A 65 -23.39 24.78 -16.33
N ALA A 66 -22.06 24.85 -16.07
CA ALA A 66 -21.16 24.55 -17.14
C ALA A 66 -21.31 23.22 -17.71
N GLY A 67 -21.50 22.17 -16.91
CA GLY A 67 -21.54 20.87 -17.46
C GLY A 67 -22.65 20.78 -18.38
N ILE A 68 -23.80 21.30 -17.95
CA ILE A 68 -24.82 21.26 -18.92
C ILE A 68 -24.66 22.15 -20.10
N VAL A 69 -24.36 23.43 -19.95
CA VAL A 69 -24.36 24.39 -21.00
C VAL A 69 -23.37 24.07 -22.00
N PHE A 70 -22.20 23.72 -21.45
CA PHE A 70 -21.04 23.36 -22.17
C PHE A 70 -21.44 22.14 -22.87
N GLY A 71 -22.21 21.30 -22.17
CA GLY A 71 -22.77 20.12 -22.71
C GLY A 71 -23.59 20.46 -23.91
N VAL A 72 -24.39 21.55 -23.86
CA VAL A 72 -25.30 21.80 -24.93
C VAL A 72 -24.61 22.15 -26.16
N LEU A 73 -23.74 23.16 -26.17
CA LEU A 73 -23.18 23.42 -27.46
C LEU A 73 -22.11 22.45 -27.83
N ALA A 74 -21.35 21.90 -26.85
CA ALA A 74 -20.19 21.01 -26.88
C ALA A 74 -19.41 20.78 -28.14
N GLY A 75 -18.06 20.96 -28.15
CA GLY A 75 -17.22 20.60 -29.28
C GLY A 75 -16.42 19.42 -29.02
N GLN A 76 -16.76 18.87 -27.89
CA GLN A 76 -16.50 17.56 -27.61
C GLN A 76 -17.34 17.43 -26.45
N PRO A 77 -17.77 16.33 -26.00
CA PRO A 77 -18.52 16.44 -24.78
C PRO A 77 -18.18 15.18 -24.19
N LEU A 78 -17.06 14.65 -24.59
CA LEU A 78 -16.61 13.42 -24.06
C LEU A 78 -15.86 13.77 -22.87
N CYS A 79 -15.01 14.73 -23.16
CA CYS A 79 -14.24 15.66 -22.38
C CYS A 79 -14.96 16.19 -21.18
N ILE A 80 -14.22 16.79 -20.18
CA ILE A 80 -14.86 17.49 -19.09
C ILE A 80 -14.13 18.77 -18.75
N VAL A 81 -14.88 19.88 -18.56
CA VAL A 81 -14.35 21.13 -18.18
C VAL A 81 -14.73 21.50 -16.83
N GLY A 82 -13.80 21.96 -16.05
CA GLY A 82 -14.01 22.50 -14.80
C GLY A 82 -12.73 23.20 -14.56
N VAL A 83 -12.77 23.92 -13.42
CA VAL A 83 -11.85 24.75 -12.63
C VAL A 83 -10.39 24.30 -12.47
N THR A 84 -9.46 25.24 -12.08
CA THR A 84 -8.17 24.85 -11.60
C THR A 84 -7.67 25.91 -10.73
N GLY A 85 -6.67 25.52 -9.97
CA GLY A 85 -5.88 26.21 -9.03
C GLY A 85 -5.32 27.26 -9.82
N PRO A 86 -4.88 27.04 -10.98
CA PRO A 86 -4.42 28.12 -11.75
C PRO A 86 -5.39 29.16 -12.08
N ILE A 87 -6.68 28.90 -12.30
CA ILE A 87 -7.56 29.99 -12.59
C ILE A 87 -7.54 30.83 -11.44
N SER A 88 -7.55 30.11 -10.35
CA SER A 88 -7.61 30.58 -9.04
C SER A 88 -6.49 31.41 -8.85
N ILE A 89 -5.35 31.01 -9.35
CA ILE A 89 -4.19 31.72 -9.13
C ILE A 89 -4.36 33.04 -9.74
N PHE A 90 -4.96 33.08 -10.91
CA PHE A 90 -5.20 34.33 -11.53
C PHE A 90 -6.07 35.15 -10.70
N ASN A 91 -7.04 34.49 -10.16
CA ASN A 91 -7.98 35.06 -9.34
C ASN A 91 -7.31 35.63 -8.14
N TYR A 92 -6.30 34.98 -7.57
CA TYR A 92 -5.57 35.32 -6.38
C TYR A 92 -4.94 36.60 -6.67
N THR A 93 -4.39 36.72 -7.89
CA THR A 93 -3.66 37.86 -8.36
C THR A 93 -4.56 38.91 -8.30
N VAL A 94 -5.68 38.59 -8.78
CA VAL A 94 -6.68 39.48 -8.80
C VAL A 94 -7.06 39.82 -7.41
N TYR A 95 -7.13 38.91 -6.45
CA TYR A 95 -7.55 39.35 -5.17
C TYR A 95 -6.62 40.25 -4.52
N GLU A 96 -5.36 39.90 -4.51
CA GLU A 96 -4.51 40.81 -3.90
C GLU A 96 -4.37 42.04 -4.63
N ILE A 97 -4.21 41.90 -5.94
CA ILE A 97 -3.82 42.98 -6.76
C ILE A 97 -4.92 43.92 -6.81
N ILE A 98 -6.15 43.40 -6.82
CA ILE A 98 -7.31 44.22 -6.83
C ILE A 98 -7.41 44.94 -5.57
N LYS A 99 -7.01 44.37 -4.44
CA LYS A 99 -7.36 45.00 -3.21
C LYS A 99 -6.87 46.44 -3.13
N PRO A 100 -5.67 46.88 -3.37
CA PRO A 100 -5.33 48.26 -3.26
C PRO A 100 -5.59 48.93 -4.52
N LEU A 101 -6.16 48.24 -5.48
CA LEU A 101 -6.50 48.89 -6.68
C LEU A 101 -7.98 49.01 -6.71
N ASN A 102 -8.55 48.51 -5.60
CA ASN A 102 -9.79 48.85 -5.02
C ASN A 102 -11.06 48.62 -5.70
N THR A 103 -11.18 48.56 -7.06
CA THR A 103 -12.47 48.23 -7.64
C THR A 103 -12.73 46.88 -7.22
N SER A 104 -13.95 46.66 -6.74
CA SER A 104 -14.54 45.42 -6.38
C SER A 104 -14.06 44.34 -7.23
N TYR A 105 -13.84 43.18 -6.66
CA TYR A 105 -13.25 42.06 -7.29
C TYR A 105 -14.17 41.74 -8.41
N PHE A 106 -15.42 41.75 -8.05
CA PHE A 106 -16.45 41.49 -8.93
C PHE A 106 -16.52 42.56 -9.95
N GLY A 107 -16.37 43.84 -9.55
CA GLY A 107 -16.59 44.93 -10.48
C GLY A 107 -15.60 44.90 -11.52
N PHE A 108 -14.39 44.63 -11.08
CA PHE A 108 -13.25 44.45 -11.89
C PHE A 108 -13.45 43.35 -12.90
N MET A 109 -14.11 42.29 -12.40
CA MET A 109 -14.20 41.09 -13.12
C MET A 109 -14.83 41.33 -14.42
N PHE A 110 -15.82 42.22 -14.43
CA PHE A 110 -16.67 42.39 -15.54
C PHE A 110 -15.84 42.65 -16.72
N TRP A 111 -14.86 43.49 -16.66
CA TRP A 111 -14.10 43.68 -17.83
C TRP A 111 -13.36 42.48 -18.24
N ILE A 112 -12.85 41.73 -17.26
CA ILE A 112 -11.98 40.69 -17.69
C ILE A 112 -12.48 39.73 -18.66
N CYS A 113 -13.68 39.36 -18.40
CA CYS A 113 -14.35 38.37 -19.13
C CYS A 113 -14.50 38.79 -20.50
N LEU A 114 -14.78 40.08 -20.65
CA LEU A 114 -15.13 40.59 -21.93
C LEU A 114 -14.06 40.37 -22.90
N TRP A 115 -12.86 40.64 -22.42
CA TRP A 115 -11.75 40.60 -23.31
C TRP A 115 -11.56 39.29 -23.87
N SER A 116 -11.78 38.33 -22.97
CA SER A 116 -11.58 36.99 -23.35
C SER A 116 -12.44 36.68 -24.46
N MET A 117 -13.67 37.12 -24.36
CA MET A 117 -14.47 36.77 -25.42
C MET A 117 -14.10 37.26 -26.70
N ILE A 118 -13.80 38.51 -26.72
CA ILE A 118 -13.70 39.13 -27.96
C ILE A 118 -12.61 38.63 -28.71
N PHE A 119 -11.56 38.59 -27.98
CA PHE A 119 -10.35 38.14 -28.45
C PHE A 119 -10.50 36.78 -28.83
N HIS A 120 -11.22 36.05 -28.04
CA HIS A 120 -11.55 34.76 -28.41
C HIS A 120 -12.32 34.65 -29.64
N LEU A 121 -13.25 35.53 -30.03
CA LEU A 121 -14.06 35.36 -31.24
C LEU A 121 -13.17 35.22 -32.37
N LEU A 122 -12.24 36.12 -32.27
CA LEU A 122 -11.32 36.36 -33.25
C LEU A 122 -10.55 35.12 -33.38
N LEU A 123 -10.17 34.59 -32.20
CA LEU A 123 -9.48 33.36 -32.03
C LEU A 123 -10.25 32.22 -32.61
N ALA A 124 -11.59 32.23 -32.52
CA ALA A 124 -12.38 31.10 -32.92
C ALA A 124 -12.13 30.92 -34.35
N PHE A 125 -12.13 32.02 -35.07
CA PHE A 125 -11.67 31.89 -36.40
C PHE A 125 -10.16 31.45 -36.48
N THR A 126 -9.17 32.02 -35.72
CA THR A 126 -7.73 31.66 -35.69
C THR A 126 -7.23 30.25 -35.63
N ASN A 127 -5.91 30.12 -35.90
CA ASN A 127 -5.16 28.94 -35.98
C ASN A 127 -3.86 29.25 -35.45
N VAL A 128 -3.96 29.83 -34.29
CA VAL A 128 -2.98 29.73 -33.27
C VAL A 128 -3.16 28.32 -32.85
N VAL A 129 -4.37 27.87 -33.02
CA VAL A 129 -4.77 26.56 -32.78
C VAL A 129 -3.98 25.65 -33.63
N CYS A 130 -3.45 26.18 -34.73
CA CYS A 130 -2.67 25.42 -35.59
C CYS A 130 -1.57 24.80 -34.89
N LEU A 131 -1.06 25.54 -34.00
CA LEU A 131 0.14 25.23 -33.43
C LEU A 131 0.22 23.98 -32.75
N LEU A 132 -0.87 23.58 -32.17
CA LEU A 132 -0.74 22.48 -31.29
C LEU A 132 -0.26 21.24 -31.86
N GLN A 133 -0.79 21.19 -33.01
CA GLN A 133 -1.10 20.05 -33.69
C GLN A 133 0.01 19.15 -33.89
N TYR A 134 1.07 19.86 -33.93
CA TYR A 134 2.31 19.56 -34.40
C TYR A 134 2.79 18.46 -33.66
N VAL A 135 2.37 18.53 -32.45
CA VAL A 135 2.39 17.50 -31.61
C VAL A 135 1.91 16.28 -32.18
N THR A 136 2.81 15.39 -32.00
CA THR A 136 2.75 14.10 -32.36
C THR A 136 3.30 13.71 -31.03
N THR A 137 4.28 12.81 -30.76
CA THR A 137 4.33 12.36 -29.33
C THR A 137 4.68 13.26 -27.98
N PHE A 138 5.68 14.14 -28.08
CA PHE A 138 6.22 14.76 -26.87
C PHE A 138 5.62 15.62 -25.79
N PRO A 139 4.90 16.62 -25.98
CA PRO A 139 4.50 17.45 -24.91
C PRO A 139 3.55 16.93 -24.01
N CYS A 140 2.50 16.44 -24.59
CA CYS A 140 1.27 16.52 -23.94
C CYS A 140 1.35 15.76 -22.77
N ASP A 141 2.03 14.65 -22.91
CA ASP A 141 2.03 13.78 -21.78
C ASP A 141 2.65 14.46 -20.62
N ILE A 142 3.63 15.24 -20.92
CA ILE A 142 4.25 16.10 -20.04
C ILE A 142 3.33 17.06 -19.51
N PHE A 143 2.48 17.57 -20.36
CA PHE A 143 1.59 18.60 -20.03
C PHE A 143 0.81 18.11 -18.90
N GLY A 144 0.27 16.93 -19.10
CA GLY A 144 -0.59 16.38 -18.11
C GLY A 144 0.20 16.18 -16.87
N LEU A 145 1.48 15.87 -17.02
CA LEU A 145 2.30 15.68 -15.91
C LEU A 145 2.36 16.89 -15.10
N PHE A 146 2.36 18.07 -15.70
CA PHE A 146 2.41 19.29 -14.96
C PHE A 146 1.27 19.28 -14.05
N ILE A 147 0.16 18.88 -14.58
CA ILE A 147 -1.01 18.83 -13.80
C ILE A 147 -0.86 17.94 -12.67
N ASN A 148 -0.27 16.78 -12.94
CA ASN A 148 -0.18 15.75 -11.98
C ASN A 148 0.51 16.24 -10.84
N VAL A 149 1.54 17.00 -11.14
CA VAL A 149 2.48 17.26 -10.14
C VAL A 149 1.82 18.02 -9.09
N VAL A 150 1.13 19.03 -9.56
CA VAL A 150 0.49 19.89 -8.63
C VAL A 150 -0.53 19.18 -7.88
N TYR A 151 -1.16 18.28 -8.57
CA TYR A 151 -2.24 17.59 -8.05
C TYR A 151 -1.86 16.84 -6.87
N ILE A 152 -0.79 16.14 -6.99
CA ILE A 152 -0.35 15.42 -5.88
C ILE A 152 0.03 16.27 -4.78
N GLN A 153 0.73 17.34 -5.10
CA GLN A 153 1.34 18.14 -4.10
C GLN A 153 0.33 18.71 -3.27
N LYS A 154 -0.70 19.05 -3.99
CA LYS A 154 -1.77 19.67 -3.40
C LYS A 154 -2.34 18.74 -2.47
N GLY A 155 -2.46 17.48 -2.87
CA GLY A 155 -3.23 16.55 -2.11
C GLY A 155 -2.63 16.49 -0.80
N ILE A 156 -1.34 16.47 -0.82
CA ILE A 156 -0.63 16.45 0.37
C ILE A 156 -0.82 17.65 1.11
N GLN A 157 -0.82 18.72 0.40
CA GLN A 157 -0.94 19.92 1.04
C GLN A 157 -2.21 20.00 1.70
N ILE A 158 -3.23 19.48 1.14
CA ILE A 158 -4.47 19.50 1.80
C ILE A 158 -4.38 18.76 3.02
N LEU A 159 -3.69 17.68 2.96
CA LEU A 159 -3.72 16.81 4.05
C LEU A 159 -3.21 17.47 5.24
N THR A 160 -2.12 18.08 4.97
CA THR A 160 -1.47 18.84 5.90
C THR A 160 -2.25 19.98 6.22
N ARG A 161 -2.98 20.49 5.28
CA ARG A 161 -3.79 21.63 5.44
C ARG A 161 -4.74 21.42 6.51
N GLN A 162 -5.26 20.21 6.49
CA GLN A 162 -6.23 19.82 7.43
C GLN A 162 -5.66 19.89 8.77
N PHE A 163 -4.40 19.52 8.87
CA PHE A 163 -3.66 19.55 10.07
C PHE A 163 -3.50 20.91 10.62
N HIS A 164 -3.24 21.82 9.67
CA HIS A 164 -2.86 23.19 9.88
C HIS A 164 -3.85 24.12 10.61
N ASN A 165 -5.21 24.12 10.35
CA ASN A 165 -6.03 25.22 10.96
C ASN A 165 -5.92 25.28 12.44
N THR A 166 -6.03 24.11 13.04
CA THR A 166 -5.82 24.04 14.42
C THR A 166 -4.36 23.92 14.49
N SER A 167 -3.84 24.42 15.58
CA SER A 167 -2.46 24.59 15.90
C SER A 167 -1.51 23.47 15.55
N GLY A 168 -0.18 23.72 15.72
CA GLY A 168 0.93 22.80 15.47
C GLY A 168 1.84 23.23 14.32
N GLU A 169 3.18 22.86 14.30
CA GLU A 169 4.00 23.15 13.12
C GLU A 169 4.32 21.95 12.28
N LYS A 170 4.97 20.90 12.81
CA LYS A 170 5.36 19.78 11.98
C LYS A 170 5.40 18.55 12.85
N SER A 171 4.86 18.74 14.06
CA SER A 171 4.79 17.79 15.13
C SER A 171 3.90 16.57 15.05
N VAL A 172 2.59 16.50 14.62
CA VAL A 172 1.56 17.37 14.02
C VAL A 172 0.11 17.13 14.61
N GLN A 173 -0.83 18.13 14.53
CA GLN A 173 -2.19 17.98 15.02
C GLN A 173 -2.96 17.52 13.88
N ASP A 174 -3.31 16.26 13.85
CA ASP A 174 -3.94 15.82 12.69
C ASP A 174 -4.83 14.89 13.21
N GLY A 175 -5.74 14.59 12.29
CA GLY A 175 -6.31 13.31 12.27
C GLY A 175 -5.22 12.58 11.58
N PHE A 176 -4.55 11.78 12.38
CA PHE A 176 -3.52 10.87 12.00
C PHE A 176 -4.21 9.89 11.20
N ALA A 177 -5.40 9.61 11.68
CA ALA A 177 -6.41 8.78 11.17
C ALA A 177 -6.75 9.33 9.87
N SER A 178 -6.77 10.66 9.73
CA SER A 178 -7.12 11.22 8.46
C SER A 178 -6.14 10.74 7.49
N VAL A 179 -4.90 10.78 7.94
CA VAL A 179 -3.83 10.35 7.13
C VAL A 179 -4.06 8.93 6.81
N VAL A 180 -4.47 8.19 7.81
CA VAL A 180 -4.60 6.83 7.54
C VAL A 180 -5.56 6.58 6.51
N VAL A 181 -6.73 7.11 6.63
CA VAL A 181 -7.75 6.72 5.76
C VAL A 181 -7.52 7.00 4.40
N ALA A 182 -7.03 8.20 4.16
CA ALA A 182 -6.93 8.69 2.85
C ALA A 182 -6.03 7.83 2.16
N LEU A 183 -4.93 7.54 2.82
CA LEU A 183 -3.94 6.72 2.29
C LEU A 183 -4.42 5.41 2.03
N VAL A 184 -5.20 4.97 2.98
CA VAL A 184 -5.49 3.61 3.11
C VAL A 184 -6.27 3.26 2.01
N MET A 185 -7.14 4.19 1.76
CA MET A 185 -7.98 4.19 0.69
C MET A 185 -7.16 4.12 -0.48
N THR A 186 -6.12 4.91 -0.53
CA THR A 186 -5.40 5.04 -1.72
C THR A 186 -4.81 3.79 -2.16
N ALA A 187 -4.32 3.03 -1.21
CA ALA A 187 -3.73 1.80 -1.55
C ALA A 187 -4.73 0.96 -2.24
N PHE A 188 -5.89 1.01 -1.65
CA PHE A 188 -6.92 0.16 -2.08
C PHE A 188 -7.33 0.42 -3.44
N GLY A 189 -7.38 1.70 -3.76
CA GLY A 189 -7.85 2.29 -4.98
C GLY A 189 -7.05 1.77 -6.04
N LEU A 190 -5.79 1.65 -5.70
CA LEU A 190 -4.80 1.19 -6.54
C LEU A 190 -5.20 -0.19 -6.87
N PHE A 191 -5.61 -0.95 -5.88
CA PHE A 191 -6.09 -2.28 -6.13
C PHE A 191 -7.23 -2.28 -6.97
N PHE A 192 -8.11 -1.34 -6.73
CA PHE A 192 -9.32 -1.22 -7.44
C PHE A 192 -9.06 -1.04 -8.86
N LYS A 193 -8.07 -0.30 -9.22
CA LYS A 193 -7.56 -0.26 -10.53
C LYS A 193 -6.93 -1.50 -11.12
N SER A 194 -6.19 -2.22 -10.29
CA SER A 194 -5.09 -3.01 -10.80
C SER A 194 -5.27 -4.08 -11.78
N PHE A 195 -6.32 -4.84 -11.70
CA PHE A 195 -6.56 -5.80 -12.70
C PHE A 195 -6.76 -5.18 -13.94
N HIS A 196 -7.41 -4.02 -13.95
CA HIS A 196 -7.59 -3.44 -15.22
C HIS A 196 -6.33 -3.13 -15.97
N HIS A 197 -5.28 -2.47 -15.45
CA HIS A 197 -4.14 -2.52 -16.37
C HIS A 197 -3.49 -3.84 -16.41
N TYR A 198 -3.38 -4.41 -15.22
CA TYR A 198 -2.50 -5.48 -14.96
C TYR A 198 -3.37 -6.52 -14.23
N PRO A 199 -4.14 -7.36 -14.87
CA PRO A 199 -5.06 -8.40 -14.41
C PRO A 199 -4.73 -9.36 -13.35
N LEU A 200 -5.79 -10.03 -12.84
CA LEU A 200 -5.80 -11.12 -11.93
C LEU A 200 -7.21 -11.77 -11.66
N PHE A 201 -8.43 -11.43 -12.25
CA PHE A 201 -9.71 -12.21 -12.12
C PHE A 201 -10.43 -12.40 -13.47
N THR A 202 -11.58 -11.71 -13.85
CA THR A 202 -12.17 -11.91 -15.18
C THR A 202 -12.54 -10.63 -15.74
N HIS A 203 -12.64 -10.56 -17.07
CA HIS A 203 -12.80 -9.45 -17.95
C HIS A 203 -13.94 -8.81 -17.46
N LYS A 204 -14.95 -9.61 -17.41
CA LYS A 204 -16.16 -9.22 -16.98
C LYS A 204 -16.07 -8.81 -15.58
N ILE A 205 -15.40 -9.56 -14.74
CA ILE A 205 -15.44 -9.29 -13.35
C ILE A 205 -14.92 -7.97 -13.11
N ARG A 206 -13.79 -7.67 -13.73
CA ARG A 206 -13.21 -6.39 -13.65
C ARG A 206 -14.09 -5.49 -14.20
N THR A 207 -14.68 -5.88 -15.31
CA THR A 207 -15.30 -4.95 -16.10
C THR A 207 -16.39 -4.37 -15.32
N PHE A 208 -17.19 -5.11 -14.50
CA PHE A 208 -18.02 -4.29 -13.64
C PHE A 208 -17.07 -3.58 -12.71
N ILE A 209 -16.24 -4.29 -11.99
CA ILE A 209 -15.55 -3.52 -11.00
C ILE A 209 -14.48 -2.42 -11.01
N SER A 210 -13.36 -2.59 -11.74
CA SER A 210 -12.09 -1.91 -11.40
C SER A 210 -11.97 -0.47 -11.66
N ASP A 211 -12.83 -0.19 -12.56
CA ASP A 211 -13.25 0.98 -13.13
C ASP A 211 -14.05 1.71 -12.18
N TYR A 212 -14.73 1.04 -11.26
CA TYR A 212 -15.64 1.85 -10.53
C TYR A 212 -15.03 2.30 -9.33
N SER A 213 -13.77 2.54 -9.46
CA SER A 213 -13.07 2.78 -8.34
C SER A 213 -13.53 3.97 -7.69
N THR A 214 -13.65 5.05 -8.46
CA THR A 214 -13.78 6.25 -7.74
C THR A 214 -14.96 6.31 -6.96
N ALA A 215 -16.04 6.03 -7.61
CA ALA A 215 -17.24 6.24 -6.96
C ALA A 215 -17.33 5.38 -5.80
N LEU A 216 -16.88 4.16 -6.09
CA LEU A 216 -17.15 3.17 -5.16
C LEU A 216 -16.55 3.50 -3.97
N SER A 217 -15.35 3.90 -4.12
CA SER A 217 -14.61 4.25 -3.04
C SER A 217 -15.10 5.31 -2.33
N VAL A 218 -15.51 6.34 -3.04
CA VAL A 218 -15.65 7.56 -2.32
C VAL A 218 -16.65 7.38 -1.35
N LEU A 219 -17.66 6.77 -1.88
CA LEU A 219 -18.68 6.40 -1.09
C LEU A 219 -18.24 5.44 -0.10
N PHE A 220 -17.51 4.44 -0.59
CA PHE A 220 -17.28 3.28 0.15
C PHE A 220 -16.61 3.61 1.34
N TRP A 221 -15.53 4.32 1.23
CA TRP A 221 -14.95 4.67 2.42
C TRP A 221 -15.60 5.64 3.23
N SER A 222 -16.23 6.62 2.60
CA SER A 222 -16.68 7.71 3.40
C SER A 222 -17.56 7.34 4.50
N SER A 223 -18.44 6.36 4.26
CA SER A 223 -19.33 5.96 5.33
C SER A 223 -18.64 5.32 6.48
N PHE A 224 -17.52 4.62 6.25
CA PHE A 224 -16.74 4.05 7.28
C PHE A 224 -16.31 5.13 8.07
N THR A 225 -15.87 6.16 7.40
CA THR A 225 -15.35 7.25 8.11
C THR A 225 -16.40 7.87 8.94
N HIS A 226 -17.60 7.95 8.40
CA HIS A 226 -18.65 8.48 9.15
C HIS A 226 -18.97 7.62 10.33
N PHE A 227 -18.88 6.30 10.19
CA PHE A 227 -19.25 5.37 11.21
C PHE A 227 -18.29 4.31 10.91
N GLY A 228 -17.31 4.11 11.80
CA GLY A 228 -16.43 3.00 11.65
C GLY A 228 -15.03 3.38 11.44
N GLY A 229 -14.17 2.37 11.64
CA GLY A 229 -12.74 2.40 11.59
C GLY A 229 -12.33 1.15 12.31
N TYR A 230 -11.00 0.78 12.31
CA TYR A 230 -10.44 -0.38 13.02
C TYR A 230 -10.93 -0.18 14.49
N LEU A 231 -11.02 1.12 14.90
CA LEU A 231 -12.02 1.72 15.78
C LEU A 231 -11.98 3.17 15.32
N ASN A 232 -12.80 4.11 15.83
CA ASN A 232 -12.74 5.47 15.32
C ASN A 232 -13.66 6.14 16.23
N ASP A 233 -13.38 7.37 16.59
CA ASP A 233 -14.07 7.90 17.71
C ASP A 233 -13.49 9.23 17.93
N VAL A 234 -13.13 9.91 16.86
CA VAL A 234 -12.28 11.05 16.92
C VAL A 234 -12.93 12.10 16.15
N LYS A 235 -12.50 13.39 16.22
CA LYS A 235 -13.14 14.36 15.40
C LYS A 235 -12.62 14.22 14.06
N PHE A 236 -13.58 14.03 13.21
CA PHE A 236 -13.42 13.73 11.86
C PHE A 236 -13.76 14.99 11.19
N LYS A 237 -13.29 15.18 9.94
CA LYS A 237 -13.41 16.46 9.29
C LYS A 237 -13.86 16.33 7.89
N LYS A 238 -14.98 17.03 7.64
CA LYS A 238 -15.78 16.88 6.49
C LYS A 238 -15.65 17.85 5.42
N LEU A 239 -16.51 18.91 5.31
CA LEU A 239 -16.59 19.76 4.15
C LEU A 239 -17.45 21.00 4.42
N PRO A 240 -16.97 22.20 4.19
CA PRO A 240 -17.63 23.52 4.19
C PRO A 240 -18.98 23.77 3.56
N ILE A 241 -19.50 25.04 3.62
CA ILE A 241 -20.95 25.28 3.48
C ILE A 241 -21.54 26.72 3.21
N THR A 242 -22.91 26.84 2.90
CA THR A 242 -23.96 27.92 2.75
C THR A 242 -25.30 27.28 2.39
N LYS A 243 -26.48 27.79 2.86
CA LYS A 243 -27.75 27.18 2.50
C LYS A 243 -28.32 27.84 1.32
N SER A 244 -27.63 28.84 0.81
CA SER A 244 -28.19 29.64 -0.19
C SER A 244 -27.14 29.70 -1.13
N PHE A 245 -27.14 30.77 -1.85
CA PHE A 245 -26.09 31.08 -2.72
C PHE A 245 -25.09 31.75 -1.81
N PHE A 246 -23.81 31.82 -2.22
CA PHE A 246 -22.64 32.39 -1.52
C PHE A 246 -22.42 33.91 -1.77
N PRO A 247 -21.37 34.61 -1.21
CA PRO A 247 -20.96 35.99 -1.53
C PRO A 247 -20.10 36.02 -2.77
N THR A 248 -19.66 37.22 -3.31
CA THR A 248 -18.83 37.26 -4.53
C THR A 248 -17.63 38.18 -4.40
N SER A 249 -17.84 39.52 -4.33
CA SER A 249 -16.77 40.45 -3.99
C SER A 249 -16.74 40.28 -2.53
N LYS A 250 -15.80 40.95 -1.85
CA LYS A 250 -15.68 40.78 -0.43
C LYS A 250 -16.99 41.12 0.18
N PHE A 251 -17.53 40.07 0.75
CA PHE A 251 -18.85 40.21 1.03
C PHE A 251 -19.16 39.27 1.97
N ASN A 252 -20.20 39.76 2.54
CA ASN A 252 -21.12 39.12 3.32
C ASN A 252 -22.06 38.87 2.22
N ARG A 253 -22.58 39.94 1.55
CA ARG A 253 -23.48 39.83 0.44
C ARG A 253 -23.29 38.74 -0.54
N PRO A 254 -24.42 38.11 -0.81
CA PRO A 254 -24.62 37.33 -1.98
C PRO A 254 -25.15 38.28 -2.94
N GLN A 255 -24.82 37.97 -4.16
CA GLN A 255 -25.28 38.71 -5.24
C GLN A 255 -25.26 37.74 -6.32
N ASN A 256 -26.01 36.66 -6.08
CA ASN A 256 -26.20 35.49 -6.86
C ASN A 256 -26.35 35.85 -8.27
N THR A 257 -25.22 36.00 -8.95
CA THR A 257 -25.08 36.21 -10.33
C THR A 257 -25.26 37.53 -10.86
N TRP A 258 -25.32 38.52 -10.01
CA TRP A 258 -25.70 39.85 -10.37
C TRP A 258 -24.63 40.66 -11.13
N LEU A 259 -24.86 41.99 -11.43
CA LEU A 259 -23.99 42.94 -12.14
C LEU A 259 -24.65 44.24 -12.06
N ALA A 260 -24.31 45.02 -11.08
CA ALA A 260 -25.06 46.20 -10.90
C ALA A 260 -24.09 47.21 -10.62
N TYR A 261 -22.82 47.01 -10.91
CA TYR A 261 -21.94 48.07 -10.61
C TYR A 261 -21.27 48.39 -11.79
N GLU A 262 -22.01 49.21 -12.52
CA GLU A 262 -21.57 49.77 -13.71
C GLU A 262 -21.36 51.29 -13.68
N PRO A 263 -20.46 51.96 -12.88
CA PRO A 263 -20.38 53.42 -13.00
C PRO A 263 -19.13 54.00 -12.30
N ILE A 264 -17.91 53.86 -12.88
CA ILE A 264 -16.63 54.27 -12.29
C ILE A 264 -15.66 54.58 -13.43
N PRO A 265 -14.39 55.03 -13.32
CA PRO A 265 -13.55 55.32 -14.46
C PRO A 265 -13.28 54.16 -15.32
N VAL A 266 -12.89 54.49 -16.52
CA VAL A 266 -12.64 53.65 -17.64
C VAL A 266 -11.54 52.79 -17.31
N LYS A 267 -10.71 53.40 -16.55
CA LYS A 267 -9.45 53.11 -16.14
C LYS A 267 -9.56 51.82 -15.46
N ASP A 268 -10.61 51.75 -14.65
CA ASP A 268 -10.84 50.64 -13.86
C ASP A 268 -11.15 49.54 -14.71
N VAL A 269 -11.93 49.82 -15.72
CA VAL A 269 -12.31 48.91 -16.70
C VAL A 269 -11.21 48.37 -17.42
N PHE A 270 -10.25 49.22 -17.54
CA PHE A 270 -9.22 48.96 -18.40
C PHE A 270 -8.37 47.86 -17.95
N ILE A 271 -7.97 47.86 -16.71
CA ILE A 271 -6.86 46.98 -16.52
C ILE A 271 -7.16 45.55 -16.26
N ALA A 272 -8.34 45.07 -16.57
CA ALA A 272 -8.60 43.66 -16.49
C ALA A 272 -7.89 42.88 -17.50
N LEU A 273 -7.51 43.60 -18.53
CA LEU A 273 -7.15 42.97 -19.74
C LEU A 273 -6.08 41.96 -19.65
N PRO A 274 -5.03 42.08 -18.95
CA PRO A 274 -3.97 41.11 -18.99
C PRO A 274 -4.39 39.77 -18.68
N PHE A 275 -5.20 39.84 -17.65
CA PHE A 275 -5.59 38.76 -16.89
C PHE A 275 -6.42 37.94 -17.74
N GLY A 276 -7.21 38.62 -18.57
CA GLY A 276 -7.84 37.85 -19.55
C GLY A 276 -6.91 37.24 -20.50
N ILE A 277 -5.84 37.93 -20.92
CA ILE A 277 -5.16 37.36 -22.05
C ILE A 277 -4.55 36.13 -21.72
N ILE A 278 -3.91 36.17 -20.62
CA ILE A 278 -3.21 35.05 -20.24
C ILE A 278 -4.14 33.96 -19.97
N LEU A 279 -5.25 34.32 -19.39
CA LEU A 279 -6.18 33.34 -19.07
C LEU A 279 -6.65 32.64 -20.23
N THR A 280 -6.89 33.38 -21.26
CA THR A 280 -7.53 32.81 -22.37
C THR A 280 -6.71 31.81 -22.94
N ILE A 281 -5.50 32.21 -22.95
CA ILE A 281 -4.55 31.45 -23.54
C ILE A 281 -4.43 30.22 -22.87
N LEU A 282 -4.49 30.37 -21.60
CA LEU A 282 -4.33 29.32 -20.74
C LEU A 282 -5.38 28.38 -21.02
N PHE A 283 -6.58 28.86 -21.11
CA PHE A 283 -7.64 28.02 -21.33
C PHE A 283 -7.53 27.32 -22.56
N TYR A 284 -7.05 28.05 -23.54
CA TYR A 284 -6.96 27.59 -24.83
C TYR A 284 -6.11 26.45 -24.71
N PHE A 285 -5.06 26.68 -24.02
CA PHE A 285 -3.99 25.84 -23.92
C PHE A 285 -4.50 24.63 -23.41
N ASP A 286 -5.29 24.73 -22.38
CA ASP A 286 -5.77 23.66 -21.63
C ASP A 286 -6.45 22.83 -22.52
N HIS A 287 -7.29 23.47 -23.30
CA HIS A 287 -8.12 22.75 -24.13
C HIS A 287 -7.28 21.99 -24.97
N ASN A 288 -6.30 22.64 -25.48
CA ASN A 288 -5.64 22.00 -26.48
C ASN A 288 -5.00 20.81 -26.04
N VAL A 289 -4.24 20.97 -25.02
CA VAL A 289 -3.35 19.91 -24.75
C VAL A 289 -3.99 18.72 -24.39
N SER A 290 -4.97 19.00 -23.60
CA SER A 290 -5.71 18.00 -23.05
C SER A 290 -6.36 17.33 -24.14
N SER A 291 -6.95 18.14 -25.01
CA SER A 291 -7.71 17.58 -26.02
C SER A 291 -6.92 16.81 -26.86
N LEU A 292 -5.72 17.18 -27.14
CA LEU A 292 -5.04 16.35 -28.02
C LEU A 292 -4.82 15.05 -27.45
N MET A 293 -4.38 15.12 -26.23
CA MET A 293 -3.93 13.97 -25.64
C MET A 293 -4.96 13.01 -25.52
N ALA A 294 -6.07 13.57 -25.19
CA ALA A 294 -7.22 12.85 -25.15
C ALA A 294 -7.54 12.35 -26.46
N GLN A 295 -7.48 13.19 -27.47
CA GLN A 295 -8.09 12.83 -28.69
C GLN A 295 -7.43 11.73 -29.26
N ARG A 296 -6.16 11.74 -28.98
CA ARG A 296 -5.26 10.77 -29.37
C ARG A 296 -5.57 10.04 -30.60
N HIS A 297 -4.91 10.33 -31.75
CA HIS A 297 -5.14 9.60 -32.99
C HIS A 297 -4.68 8.19 -32.52
N GLN A 298 -3.60 8.07 -31.68
CA GLN A 298 -3.16 6.82 -31.09
C GLN A 298 -4.19 6.18 -30.34
N TYR A 299 -4.88 6.87 -29.46
CA TYR A 299 -5.98 6.24 -28.90
C TYR A 299 -7.10 6.66 -29.69
N LYS A 300 -7.08 5.89 -30.72
CA LYS A 300 -7.83 5.62 -31.83
C LYS A 300 -8.99 6.45 -32.06
N LEU A 301 -8.75 7.68 -32.61
CA LEU A 301 -9.74 8.66 -33.08
C LEU A 301 -9.07 9.99 -33.62
N ARG A 302 -9.44 10.44 -34.92
CA ARG A 302 -9.40 11.75 -35.63
C ARG A 302 -10.84 11.89 -36.18
N LYS A 303 -11.83 11.06 -35.58
CA LYS A 303 -13.28 10.82 -35.75
C LYS A 303 -14.13 12.04 -35.34
N PRO A 304 -15.49 12.17 -35.37
CA PRO A 304 -16.04 13.55 -35.62
C PRO A 304 -16.39 14.55 -34.45
N SER A 305 -15.60 15.70 -34.20
CA SER A 305 -15.83 16.78 -33.18
C SER A 305 -15.22 18.13 -33.60
N SER A 306 -15.38 19.27 -32.83
CA SER A 306 -14.71 20.52 -33.23
C SER A 306 -14.39 21.37 -32.09
N PHE A 307 -13.13 21.67 -32.12
CA PHE A 307 -12.43 22.47 -31.27
C PHE A 307 -12.65 23.86 -31.50
N HIS A 308 -12.72 24.30 -32.74
CA HIS A 308 -12.59 25.69 -32.97
C HIS A 308 -13.73 26.41 -32.36
N TYR A 309 -14.92 25.88 -32.57
CA TYR A 309 -16.08 26.50 -32.01
C TYR A 309 -16.04 26.41 -30.56
N ASP A 310 -15.67 25.22 -30.08
CA ASP A 310 -15.96 24.99 -28.72
C ASP A 310 -15.21 25.85 -27.87
N PHE A 311 -14.06 26.16 -28.35
CA PHE A 311 -13.09 26.90 -27.68
C PHE A 311 -13.64 28.26 -27.49
N ALA A 312 -14.22 28.77 -28.54
CA ALA A 312 -14.74 30.08 -28.46
C ALA A 312 -15.81 30.17 -27.46
N LEU A 313 -16.66 29.18 -27.63
CA LEU A 313 -17.93 29.06 -27.06
C LEU A 313 -17.72 29.00 -25.63
N LEU A 314 -16.78 28.17 -25.26
CA LEU A 314 -16.43 27.88 -23.93
C LEU A 314 -15.96 29.10 -23.33
N GLY A 315 -15.14 29.78 -24.09
CA GLY A 315 -14.46 30.88 -23.56
C GLY A 315 -15.47 31.86 -23.28
N LEU A 316 -16.47 31.92 -24.11
CA LEU A 316 -17.49 32.84 -23.96
C LEU A 316 -18.13 32.52 -22.74
N THR A 317 -18.28 31.25 -22.51
CA THR A 317 -19.02 30.85 -21.40
C THR A 317 -18.43 31.28 -20.17
N THR A 318 -17.16 31.19 -20.13
CA THR A 318 -16.41 31.61 -19.04
C THR A 318 -16.57 33.03 -18.89
N CYS A 319 -16.61 33.71 -20.02
CA CYS A 319 -16.79 35.10 -19.97
C CYS A 319 -18.09 35.39 -19.25
N ILE A 320 -19.19 34.70 -19.59
CA ILE A 320 -20.49 34.81 -18.95
C ILE A 320 -20.47 34.48 -17.50
N SER A 321 -19.64 33.50 -17.11
CA SER A 321 -19.59 32.97 -15.77
C SER A 321 -19.31 34.11 -14.86
N GLY A 322 -18.51 35.03 -15.36
CA GLY A 322 -18.27 36.25 -14.66
C GLY A 322 -19.49 37.07 -14.27
N VAL A 323 -20.59 37.14 -15.04
CA VAL A 323 -21.79 37.89 -14.68
C VAL A 323 -22.32 37.30 -13.46
N LEU A 324 -22.26 35.99 -13.52
CA LEU A 324 -22.72 35.25 -12.47
C LEU A 324 -21.86 35.41 -11.29
N GLY A 325 -20.62 35.80 -11.57
CA GLY A 325 -19.62 36.01 -10.58
C GLY A 325 -19.18 34.65 -10.18
N ILE A 326 -18.83 33.82 -11.16
CA ILE A 326 -18.63 32.44 -10.91
C ILE A 326 -17.34 32.11 -11.54
N PRO A 327 -16.64 31.12 -11.07
CA PRO A 327 -15.41 30.61 -11.66
C PRO A 327 -15.55 30.08 -13.09
N ALA A 328 -14.49 29.53 -13.73
CA ALA A 328 -14.55 29.04 -15.10
C ALA A 328 -14.20 27.59 -15.29
N PRO A 329 -14.98 26.74 -15.94
CA PRO A 329 -14.61 25.37 -16.23
C PRO A 329 -13.66 25.37 -17.35
N ASN A 330 -12.66 24.54 -17.23
CA ASN A 330 -11.51 24.52 -18.08
C ASN A 330 -11.29 23.14 -18.32
N GLY A 331 -10.40 22.68 -19.16
CA GLY A 331 -10.48 21.28 -19.37
C GLY A 331 -9.77 20.51 -18.39
N LEU A 332 -10.54 19.60 -17.90
CA LEU A 332 -10.20 18.78 -16.86
C LEU A 332 -9.59 17.68 -17.48
N ILE A 333 -8.65 17.22 -16.75
CA ILE A 333 -7.70 16.39 -17.25
C ILE A 333 -7.74 15.01 -16.90
N PRO A 334 -7.55 14.56 -15.75
CA PRO A 334 -7.12 13.20 -15.50
C PRO A 334 -8.21 12.29 -15.68
N GLN A 335 -9.33 12.85 -15.55
CA GLN A 335 -10.58 12.28 -15.68
C GLN A 335 -10.66 12.05 -17.09
N ALA A 336 -10.10 12.97 -17.84
CA ALA A 336 -10.36 12.98 -19.16
C ALA A 336 -9.97 11.70 -19.75
N PRO A 337 -8.84 11.11 -19.64
CA PRO A 337 -8.58 9.81 -20.19
C PRO A 337 -9.45 8.86 -19.64
N LEU A 338 -9.68 9.01 -18.38
CA LEU A 338 -10.26 7.98 -17.66
C LEU A 338 -11.63 7.73 -18.15
N HIS A 339 -12.29 8.74 -18.66
CA HIS A 339 -13.59 8.54 -19.19
C HIS A 339 -13.52 7.68 -20.33
N THR A 340 -12.42 7.85 -20.94
CA THR A 340 -12.08 7.17 -22.06
C THR A 340 -11.75 5.86 -21.58
N GLU A 341 -11.30 5.69 -20.39
CA GLU A 341 -11.12 4.39 -19.93
C GLU A 341 -12.41 3.77 -19.76
N THR A 342 -13.45 4.56 -19.48
CA THR A 342 -14.75 3.98 -19.39
C THR A 342 -15.13 3.48 -20.65
N LEU A 343 -14.75 4.30 -21.56
CA LEU A 343 -15.07 4.11 -22.85
C LEU A 343 -13.89 3.57 -23.38
N LEU A 344 -13.48 2.48 -22.75
CA LEU A 344 -12.42 1.73 -23.24
C LEU A 344 -13.07 0.44 -23.26
N VAL A 345 -12.38 -0.43 -23.97
CA VAL A 345 -12.82 -1.67 -24.38
C VAL A 345 -11.54 -2.07 -24.87
N ARG A 346 -10.80 -2.69 -24.01
CA ARG A 346 -9.69 -3.43 -24.39
C ARG A 346 -9.70 -4.34 -23.29
N ASP A 347 -10.69 -4.40 -22.42
CA ASP A 347 -10.46 -5.15 -21.21
C ASP A 347 -11.67 -5.70 -20.60
N SER A 348 -12.73 -5.67 -21.38
CA SER A 348 -13.63 -6.76 -21.23
C SER A 348 -13.49 -7.23 -22.63
N ASN A 349 -12.35 -6.88 -23.26
CA ASN A 349 -11.89 -7.26 -24.51
C ASN A 349 -10.47 -6.96 -24.43
N GLN A 350 -9.88 -6.57 -25.52
CA GLN A 350 -8.50 -6.46 -25.50
C GLN A 350 -8.11 -5.54 -26.49
N ASN A 351 -9.04 -4.99 -27.23
CA ASN A 351 -8.67 -4.06 -28.19
C ASN A 351 -9.54 -2.95 -27.94
N VAL A 352 -10.55 -2.83 -28.79
CA VAL A 352 -11.30 -1.66 -28.96
C VAL A 352 -12.62 -2.08 -29.39
N VAL A 353 -13.49 -1.13 -29.17
CA VAL A 353 -14.69 -0.95 -29.86
C VAL A 353 -14.53 0.48 -29.82
N ARG A 354 -14.39 1.24 -30.97
CA ARG A 354 -14.14 2.67 -30.86
C ARG A 354 -15.37 3.08 -30.29
N CYS A 355 -15.23 3.97 -29.35
CA CYS A 355 -16.37 4.19 -28.60
C CYS A 355 -17.33 4.87 -29.44
N VAL A 356 -18.51 4.80 -28.87
CA VAL A 356 -19.70 5.48 -29.14
C VAL A 356 -19.43 6.58 -28.21
N GLU A 357 -20.30 7.52 -28.02
CA GLU A 357 -19.85 8.45 -27.07
C GLU A 357 -21.09 9.02 -26.47
N GLN A 358 -20.92 9.89 -25.42
CA GLN A 358 -22.01 10.37 -24.57
C GLN A 358 -21.88 11.82 -24.23
N ARG A 359 -23.06 12.44 -24.32
CA ARG A 359 -23.37 13.70 -23.76
C ARG A 359 -23.68 13.46 -22.33
N LEU A 360 -24.17 12.28 -22.01
CA LEU A 360 -24.90 12.18 -20.79
C LEU A 360 -24.16 12.40 -19.60
N THR A 361 -22.96 11.85 -19.51
CA THR A 361 -22.27 11.95 -18.29
C THR A 361 -22.04 13.34 -17.97
N ASN A 362 -21.58 14.04 -18.96
CA ASN A 362 -21.15 15.36 -18.91
C ASN A 362 -22.27 16.26 -18.61
N THR A 363 -23.36 15.97 -19.26
CA THR A 363 -24.51 16.74 -19.09
C THR A 363 -24.95 16.60 -17.71
N PHE A 364 -24.90 15.37 -17.24
CA PHE A 364 -25.32 14.96 -15.97
C PHE A 364 -24.52 15.64 -14.96
N GLN A 365 -23.24 15.75 -15.24
CA GLN A 365 -22.21 16.28 -14.40
C GLN A 365 -22.59 17.68 -14.12
N GLY A 366 -23.11 18.34 -15.14
CA GLY A 366 -23.62 19.63 -14.91
C GLY A 366 -24.80 19.42 -14.07
N LEU A 367 -25.65 18.57 -14.56
CA LEU A 367 -27.00 18.59 -14.29
C LEU A 367 -27.31 18.19 -12.97
N MET A 368 -26.92 17.03 -12.45
CA MET A 368 -27.47 16.50 -11.26
C MET A 368 -27.50 17.54 -10.26
N ILE A 369 -28.68 17.72 -9.73
CA ILE A 369 -29.00 18.83 -8.94
C ILE A 369 -28.06 19.01 -7.80
N LEU A 370 -27.41 17.95 -7.33
CA LEU A 370 -26.61 18.03 -6.15
C LEU A 370 -25.45 18.78 -6.60
N GLY A 371 -24.99 18.37 -7.78
CA GLY A 371 -23.88 18.84 -8.48
C GLY A 371 -24.43 19.81 -9.39
N THR A 372 -24.99 20.79 -8.71
CA THR A 372 -25.77 21.90 -9.06
C THR A 372 -26.19 22.29 -7.70
N MET A 373 -27.45 22.74 -7.42
CA MET A 373 -27.77 23.29 -6.12
C MET A 373 -27.50 22.34 -4.98
N THR A 374 -26.94 23.07 -4.02
CA THR A 374 -26.30 22.71 -2.82
C THR A 374 -27.27 22.08 -1.89
N ARG A 375 -28.48 22.67 -1.89
CA ARG A 375 -29.43 22.48 -0.83
C ARG A 375 -29.80 21.03 -0.75
N PRO A 376 -30.04 20.25 -1.76
CA PRO A 376 -29.98 18.82 -1.56
C PRO A 376 -28.59 18.24 -1.53
N LEU A 377 -27.57 18.88 -2.10
CA LEU A 377 -26.26 18.31 -2.17
C LEU A 377 -25.68 18.24 -0.86
N LEU A 378 -26.31 18.94 0.00
CA LEU A 378 -26.02 19.26 1.29
C LEU A 378 -25.60 18.15 2.01
N VAL A 379 -26.37 17.08 1.88
CA VAL A 379 -26.13 15.93 2.63
C VAL A 379 -24.81 15.43 2.30
N CYS A 380 -24.54 15.38 1.02
CA CYS A 380 -23.36 14.88 0.47
C CYS A 380 -22.31 15.76 0.87
N LEU A 381 -22.55 17.05 0.80
CA LEU A 381 -21.54 17.93 1.14
C LEU A 381 -21.24 17.80 2.56
N GLY A 382 -22.24 17.57 3.37
CA GLY A 382 -21.89 17.43 4.71
C GLY A 382 -21.14 16.20 5.05
N GLU A 383 -21.57 15.11 4.40
CA GLU A 383 -21.17 13.80 4.81
C GLU A 383 -19.69 13.40 4.62
N ILE A 384 -18.96 13.91 3.59
CA ILE A 384 -17.66 13.36 3.21
C ILE A 384 -16.48 14.06 3.84
N PRO A 385 -15.41 13.42 4.17
CA PRO A 385 -14.30 14.09 4.71
C PRO A 385 -13.51 14.61 3.68
N GLN A 386 -12.81 15.67 4.03
CA GLN A 386 -11.91 16.27 3.13
C GLN A 386 -10.88 15.24 2.86
N ALA A 387 -10.56 14.52 3.91
CA ALA A 387 -9.57 13.50 3.89
C ALA A 387 -9.84 12.44 2.90
N VAL A 388 -11.13 12.07 2.74
CA VAL A 388 -11.44 11.01 1.84
C VAL A 388 -11.00 11.46 0.53
N LEU A 389 -11.28 12.72 0.25
CA LEU A 389 -10.93 13.24 -1.01
C LEU A 389 -9.50 13.31 -1.19
N SER A 390 -8.82 13.48 -0.12
CA SER A 390 -7.44 13.55 -0.19
C SER A 390 -6.89 12.28 -0.60
N GLY A 391 -7.52 11.21 -0.12
CA GLY A 391 -7.16 9.88 -0.47
C GLY A 391 -7.34 9.80 -1.89
N LEU A 392 -8.44 10.39 -2.33
CA LEU A 392 -8.78 10.44 -3.69
C LEU A 392 -7.77 11.14 -4.39
N PHE A 393 -7.16 12.19 -3.82
CA PHE A 393 -6.22 12.95 -4.55
C PHE A 393 -5.29 11.98 -5.01
N PHE A 394 -4.89 11.22 -4.07
CA PHE A 394 -4.00 10.23 -4.36
C PHE A 394 -4.37 9.16 -5.30
N ILE A 395 -5.54 8.51 -5.21
CA ILE A 395 -5.65 7.38 -6.11
C ILE A 395 -5.65 7.78 -7.50
N MET A 396 -6.36 8.86 -7.65
CA MET A 396 -6.57 9.56 -8.84
C MET A 396 -5.27 9.97 -9.36
N GLY A 397 -4.39 10.33 -8.45
CA GLY A 397 -3.08 10.68 -8.83
C GLY A 397 -2.25 9.61 -9.48
N ILE A 398 -2.27 8.35 -8.97
CA ILE A 398 -1.17 7.47 -9.38
C ILE A 398 -1.21 7.20 -10.78
N ASN A 399 -2.39 6.91 -11.25
CA ASN A 399 -2.96 6.94 -12.54
C ASN A 399 -2.37 8.05 -13.20
N GLY A 400 -1.95 7.96 -14.43
CA GLY A 400 -1.48 9.18 -14.94
C GLY A 400 -0.09 9.47 -14.55
N LEU A 401 0.54 8.48 -13.96
CA LEU A 401 1.96 8.45 -14.09
C LEU A 401 2.16 7.80 -15.44
N MET A 402 1.05 7.22 -15.88
CA MET A 402 0.99 6.14 -16.74
C MET A 402 0.99 6.32 -18.20
N THR A 403 1.15 7.52 -18.76
CA THR A 403 1.20 7.61 -20.19
C THR A 403 2.16 8.67 -20.29
N ASN A 404 3.22 8.44 -19.56
CA ASN A 404 4.26 9.35 -19.51
C ASN A 404 5.09 8.25 -19.77
N VAL A 405 5.13 8.06 -21.06
CA VAL A 405 5.57 6.92 -21.73
C VAL A 405 6.93 6.81 -21.47
N ILE A 406 7.47 7.95 -21.32
CA ILE A 406 8.73 8.32 -20.98
C ILE A 406 8.99 7.72 -19.72
N ILE A 407 8.06 7.71 -18.80
CA ILE A 407 8.28 7.16 -17.54
C ILE A 407 8.50 5.83 -17.70
N HIS A 408 7.74 5.29 -18.56
CA HIS A 408 7.83 3.97 -18.89
C HIS A 408 9.11 3.80 -19.46
N ARG A 409 9.50 4.75 -20.25
CA ARG A 409 10.70 4.70 -20.93
C ARG A 409 11.76 4.71 -19.83
N ILE A 410 11.60 5.33 -18.67
CA ILE A 410 12.42 5.19 -17.51
C ILE A 410 12.52 3.86 -17.03
N VAL A 411 11.37 3.24 -17.05
CA VAL A 411 11.14 2.00 -16.46
C VAL A 411 12.04 1.12 -17.07
N PHE A 412 12.26 1.37 -18.33
CA PHE A 412 13.03 0.57 -19.13
C PHE A 412 14.35 0.40 -18.62
N LEU A 413 14.94 1.41 -17.94
CA LEU A 413 16.18 1.10 -17.30
C LEU A 413 16.04 0.03 -16.31
N PHE A 414 15.08 0.16 -15.45
CA PHE A 414 14.94 -0.81 -14.43
C PHE A 414 14.52 -2.13 -14.86
N SER A 415 13.61 -2.19 -15.84
CA SER A 415 13.06 -3.40 -16.38
C SER A 415 14.10 -3.96 -17.26
N ASP A 416 13.95 -5.26 -17.59
CA ASP A 416 15.03 -6.00 -18.16
C ASP A 416 14.59 -6.44 -19.50
N PRO A 417 15.56 -6.48 -20.40
CA PRO A 417 15.33 -6.50 -21.81
C PRO A 417 14.72 -7.73 -22.17
N LYS A 418 15.07 -8.77 -21.41
CA LYS A 418 14.65 -10.09 -21.65
C LYS A 418 13.33 -10.23 -21.03
N ARG A 419 12.64 -9.10 -20.88
CA ARG A 419 11.33 -9.02 -20.41
C ARG A 419 10.73 -7.87 -21.14
N ARG A 420 11.55 -6.99 -21.72
CA ARG A 420 11.06 -5.77 -22.29
C ARG A 420 10.70 -5.94 -23.69
N ASP A 421 9.52 -5.44 -24.15
CA ASP A 421 9.08 -5.74 -25.50
C ASP A 421 7.76 -5.24 -26.05
N ASN A 422 6.80 -4.67 -25.30
CA ASN A 422 5.46 -4.55 -25.87
C ASN A 422 5.30 -3.74 -27.06
N ASN A 423 5.80 -2.55 -26.96
CA ASN A 423 5.76 -1.55 -27.96
C ASN A 423 7.02 -0.85 -27.64
N SER A 424 7.85 -1.57 -26.87
CA SER A 424 9.03 -1.12 -26.28
C SER A 424 9.94 -0.66 -27.30
N PRO A 425 10.11 -1.17 -28.44
CA PRO A 425 11.07 -0.69 -29.36
C PRO A 425 10.96 0.71 -29.76
N LEU A 426 9.75 1.39 -29.79
CA LEU A 426 9.55 2.77 -30.27
C LEU A 426 10.48 3.43 -29.41
N ALA A 427 10.36 3.18 -28.13
CA ALA A 427 11.43 3.57 -27.28
C ALA A 427 12.77 2.83 -27.30
N LYS A 428 12.76 1.52 -27.30
CA LYS A 428 13.80 0.68 -26.84
C LYS A 428 14.98 0.89 -27.57
N ILE A 429 14.76 0.99 -28.85
CA ILE A 429 15.80 0.88 -29.75
C ILE A 429 16.82 1.96 -29.63
N SER A 430 16.52 3.22 -29.39
CA SER A 430 17.59 4.15 -29.25
C SER A 430 17.72 4.42 -27.83
N LYS A 431 18.21 3.36 -27.21
CA LYS A 431 18.05 3.10 -25.85
C LYS A 431 18.60 4.04 -24.89
N ARG A 432 19.81 4.33 -25.10
CA ARG A 432 20.60 5.05 -24.21
C ARG A 432 20.26 6.44 -24.37
N SER A 433 20.09 6.78 -25.60
CA SER A 433 19.81 8.08 -26.02
C SER A 433 18.45 8.44 -25.56
N MET A 434 17.67 7.40 -25.35
CA MET A 434 16.30 7.50 -25.02
C MET A 434 16.18 8.33 -23.85
N VAL A 435 17.09 7.99 -22.98
CA VAL A 435 17.09 8.44 -21.67
C VAL A 435 17.15 9.84 -21.73
N ILE A 436 17.99 10.26 -22.58
CA ILE A 436 18.31 11.59 -22.70
C ILE A 436 17.18 12.33 -23.06
N PHE A 437 16.43 11.77 -23.93
CA PHE A 437 15.29 12.47 -24.35
C PHE A 437 14.44 12.76 -23.32
N LEU A 438 14.26 11.73 -22.60
CA LEU A 438 13.49 11.79 -21.47
C LEU A 438 14.07 12.71 -20.51
N CYS A 439 15.35 12.80 -20.46
CA CYS A 439 15.94 13.60 -19.49
C CYS A 439 15.59 14.92 -19.64
N PHE A 440 15.57 15.31 -20.87
CA PHE A 440 15.14 16.59 -21.19
C PHE A 440 13.82 16.80 -20.75
N SER A 441 13.03 15.82 -21.01
CA SER A 441 11.66 16.00 -20.86
C SER A 441 11.33 16.28 -19.47
N LEU A 442 11.97 15.50 -18.62
CA LEU A 442 11.79 15.59 -17.24
C LEU A 442 12.33 16.81 -16.86
N ALA A 443 13.39 17.16 -17.55
CA ALA A 443 14.10 18.33 -17.32
C ALA A 443 13.24 19.44 -17.51
N GLY A 444 12.37 19.40 -18.49
CA GLY A 444 11.51 20.47 -18.68
C GLY A 444 10.65 20.50 -17.49
N PHE A 445 10.20 19.33 -17.00
CA PHE A 445 9.31 19.26 -15.91
C PHE A 445 9.89 20.02 -14.80
N THR A 446 11.12 19.77 -14.61
CA THR A 446 11.84 20.33 -13.59
C THR A 446 11.98 21.76 -13.73
N GLY A 447 12.29 22.19 -14.95
CA GLY A 447 12.82 23.48 -15.24
C GLY A 447 11.77 24.35 -14.84
N GLU A 448 10.62 23.95 -15.30
CA GLU A 448 9.40 24.50 -14.96
C GLU A 448 9.07 24.35 -13.56
N PHE A 449 9.40 23.25 -12.94
CA PHE A 449 9.01 23.03 -11.61
C PHE A 449 9.59 24.07 -10.75
N ALA A 450 10.84 24.32 -11.00
CA ALA A 450 11.63 25.21 -10.27
C ALA A 450 11.08 26.56 -10.49
N ILE A 451 10.73 26.79 -11.75
CA ILE A 451 10.24 28.02 -12.24
C ILE A 451 8.96 28.33 -11.52
N THR A 452 8.12 27.33 -11.26
CA THR A 452 6.76 27.45 -10.82
C THR A 452 6.70 28.17 -9.55
N ASN A 453 7.77 27.95 -8.81
CA ASN A 453 7.91 28.46 -7.52
C ASN A 453 7.92 29.95 -7.66
N THR A 454 8.52 30.44 -8.75
CA THR A 454 8.29 31.80 -9.12
C THR A 454 6.93 31.79 -9.72
N ILE A 455 6.14 32.65 -9.12
CA ILE A 455 4.83 33.07 -9.39
C ILE A 455 4.61 33.41 -10.82
N ALA A 456 3.31 33.48 -11.22
CA ALA A 456 2.82 33.68 -12.57
C ALA A 456 3.16 32.43 -13.29
N ALA A 457 3.37 31.39 -12.44
CA ALA A 457 3.96 30.08 -12.58
C ALA A 457 3.41 29.35 -13.73
N ILE A 458 2.20 29.75 -13.96
CA ILE A 458 1.24 29.49 -14.90
C ILE A 458 1.76 29.63 -16.26
N GLY A 459 2.75 30.46 -16.55
CA GLY A 459 3.33 30.73 -17.86
C GLY A 459 3.84 29.46 -18.46
N PHE A 460 4.05 28.44 -17.62
CA PHE A 460 4.63 27.22 -17.99
C PHE A 460 4.10 26.54 -19.20
N PRO A 461 2.89 26.40 -19.55
CA PRO A 461 2.48 25.66 -20.67
C PRO A 461 2.99 26.26 -21.89
N LEU A 462 3.16 27.55 -21.84
CA LEU A 462 3.53 28.29 -22.96
C LEU A 462 4.83 27.91 -23.25
N VAL A 463 5.49 27.84 -22.19
CA VAL A 463 6.78 27.48 -22.09
C VAL A 463 6.84 26.08 -22.55
N LEU A 464 5.83 25.34 -22.23
CA LEU A 464 5.69 24.04 -22.65
C LEU A 464 5.61 24.02 -24.07
N LEU A 465 4.93 24.96 -24.57
CA LEU A 465 4.78 25.04 -25.92
C LEU A 465 6.04 25.31 -26.49
N LEU A 466 6.81 26.14 -25.86
CA LEU A 466 8.05 26.41 -26.44
C LEU A 466 8.84 25.22 -26.58
N SER A 467 8.88 24.53 -25.49
CA SER A 467 9.82 23.52 -25.27
C SER A 467 9.67 22.55 -26.26
N VAL A 468 8.47 22.12 -26.29
CA VAL A 468 8.12 21.09 -27.11
C VAL A 468 8.35 21.56 -28.44
N ILE A 469 7.92 22.74 -28.86
CA ILE A 469 8.24 23.00 -30.22
C ILE A 469 9.64 23.05 -30.60
N VAL A 470 10.48 23.61 -29.80
CA VAL A 470 11.81 23.73 -30.20
C VAL A 470 12.48 22.47 -30.27
N SER A 471 11.88 21.49 -29.61
CA SER A 471 12.40 20.21 -29.55
C SER A 471 12.39 19.57 -30.86
N PHE A 472 12.15 20.32 -31.96
CA PHE A 472 11.99 19.75 -33.23
C PHE A 472 13.12 18.99 -33.59
N SER A 473 14.22 19.45 -33.16
CA SER A 473 15.29 18.61 -33.31
C SER A 473 15.47 17.27 -32.75
N PHE A 474 14.83 17.17 -31.64
CA PHE A 474 15.56 16.45 -30.65
C PHE A 474 15.86 15.09 -30.97
N THR A 475 14.78 14.66 -31.49
CA THR A 475 14.35 13.42 -31.81
C THR A 475 15.29 12.85 -32.74
N TYR A 476 15.94 13.68 -33.50
CA TYR A 476 16.66 13.18 -34.59
C TYR A 476 17.69 12.15 -34.15
N ILE B 1 20.45 -43.95 14.84
CA ILE B 1 20.47 -42.60 15.30
C ILE B 1 21.81 -42.13 15.22
N TRP B 2 22.73 -42.87 15.70
CA TRP B 2 24.09 -42.52 15.86
C TRP B 2 24.64 -42.33 14.57
N LEU B 3 24.18 -43.19 13.75
CA LEU B 3 24.58 -43.41 12.44
C LEU B 3 24.46 -42.23 11.64
N ASP B 4 23.39 -41.62 11.96
CA ASP B 4 22.81 -40.53 11.35
C ASP B 4 23.76 -39.44 11.49
N LEU B 5 24.33 -39.37 12.69
CA LEU B 5 25.27 -38.34 13.00
C LEU B 5 26.38 -38.51 12.14
N LYS B 6 26.75 -39.76 12.00
CA LYS B 6 27.94 -40.06 11.32
C LYS B 6 27.82 -39.54 9.95
N ASP B 7 26.66 -39.69 9.32
CA ASP B 7 26.53 -39.12 8.02
C ASP B 7 26.66 -37.67 8.04
N ARG B 8 25.99 -37.03 8.95
CA ARG B 8 25.98 -35.64 8.85
C ARG B 8 27.19 -34.95 9.25
N ILE B 9 27.92 -35.44 10.22
CA ILE B 9 28.97 -34.70 10.84
C ILE B 9 30.02 -34.23 9.91
N PRO B 10 30.44 -34.88 8.86
CA PRO B 10 31.42 -34.38 7.95
C PRO B 10 30.95 -33.13 7.35
N TYR B 11 29.69 -33.06 7.14
CA TYR B 11 29.11 -31.96 6.50
C TYR B 11 29.29 -30.77 7.34
N TYR B 12 29.37 -30.95 8.65
CA TYR B 12 29.60 -29.88 9.56
C TYR B 12 30.79 -29.14 9.15
N LYS B 13 31.77 -29.89 8.86
CA LYS B 13 33.01 -29.35 8.53
C LYS B 13 32.86 -28.50 7.32
N SER B 14 31.96 -28.91 6.45
CA SER B 14 31.77 -28.35 5.18
C SER B 14 31.16 -27.04 5.20
N ASP B 15 30.54 -26.67 6.28
CA ASP B 15 29.70 -25.53 6.39
C ASP B 15 30.41 -24.30 6.14
N TRP B 16 31.67 -24.44 6.36
CA TRP B 16 32.67 -23.47 6.24
C TRP B 16 32.82 -23.14 4.83
N VAL B 17 32.83 -24.14 3.95
CA VAL B 17 33.04 -23.98 2.52
C VAL B 17 31.93 -23.22 1.98
N ASP B 18 30.84 -23.55 2.59
CA ASP B 18 29.56 -23.16 2.25
C ASP B 18 29.39 -21.72 2.35
N ALA B 19 30.22 -21.12 3.19
CA ALA B 19 30.11 -19.78 3.63
C ALA B 19 30.25 -18.69 2.60
N PHE B 20 31.05 -18.88 1.56
CA PHE B 20 31.57 -17.73 0.86
C PHE B 20 30.74 -16.94 -0.09
N ASN B 21 29.58 -16.41 0.32
CA ASN B 21 29.01 -15.47 -0.59
C ASN B 21 28.06 -14.65 0.09
N TYR B 22 27.65 -13.70 -0.74
CA TYR B 22 26.88 -12.57 -0.48
C TYR B 22 25.80 -12.94 0.34
N ARG B 23 25.03 -13.91 -0.09
CA ARG B 23 23.82 -14.30 0.52
C ARG B 23 23.95 -14.76 1.87
N VAL B 24 25.12 -15.25 2.22
CA VAL B 24 25.34 -15.69 3.54
C VAL B 24 25.20 -14.60 4.42
N ILE B 25 25.73 -13.53 3.99
CA ILE B 25 25.76 -12.43 4.80
C ILE B 25 24.43 -11.91 5.09
N PRO B 26 23.50 -11.62 4.26
CA PRO B 26 22.24 -11.13 4.67
C PRO B 26 21.59 -12.12 5.43
N SER B 27 21.88 -13.37 5.11
CA SER B 27 21.04 -14.36 5.67
C SER B 27 21.20 -14.35 7.08
N THR B 28 22.46 -14.18 7.42
CA THR B 28 22.75 -14.03 8.75
C THR B 28 22.10 -12.84 9.27
N VAL B 29 22.19 -11.73 8.56
CA VAL B 29 21.72 -10.54 9.21
C VAL B 29 20.25 -10.34 9.49
N ASP B 30 19.46 -10.52 8.41
CA ASP B 30 18.11 -10.08 8.42
C ASP B 30 17.48 -10.82 9.51
N THR B 31 17.73 -12.11 9.56
CA THR B 31 16.99 -12.85 10.50
C THR B 31 17.10 -12.52 11.89
N TYR B 32 18.25 -12.11 12.35
CA TYR B 32 18.41 -12.02 13.75
C TYR B 32 17.39 -11.16 14.37
N PHE B 33 17.33 -10.02 13.79
CA PHE B 33 16.38 -9.11 14.31
C PHE B 33 15.07 -9.61 14.06
N ASN B 34 14.97 -10.23 12.89
CA ASN B 34 13.73 -10.67 12.43
C ASN B 34 13.14 -11.51 13.40
N ASN B 35 13.91 -12.29 14.09
CA ASN B 35 13.27 -13.12 15.02
C ASN B 35 12.87 -12.36 16.12
N LEU B 36 13.82 -11.56 16.46
CA LEU B 36 13.86 -11.09 17.73
C LEU B 36 12.73 -10.30 17.97
N LEU B 37 12.37 -9.52 17.05
CA LEU B 37 11.26 -8.73 17.19
C LEU B 37 10.07 -9.52 17.39
N PRO B 38 9.79 -10.52 16.74
CA PRO B 38 8.60 -11.25 16.96
C PRO B 38 8.67 -11.88 18.18
N ALA B 39 9.91 -12.17 18.46
CA ALA B 39 10.16 -12.89 19.58
C ALA B 39 9.72 -12.04 20.66
N ILE B 40 10.08 -10.80 20.52
CA ILE B 40 9.78 -9.74 21.34
C ILE B 40 8.40 -9.67 21.32
N ALA B 41 7.80 -9.84 20.20
CA ALA B 41 6.47 -9.57 20.17
C ALA B 41 5.74 -10.43 21.06
N PHE B 42 5.94 -11.74 21.06
CA PHE B 42 5.21 -12.53 22.02
C PHE B 42 5.62 -12.17 23.29
N ALA B 43 6.86 -11.82 23.40
CA ALA B 43 7.44 -11.62 24.66
C ALA B 43 6.72 -10.61 25.36
N GLN B 44 6.38 -9.60 24.61
CA GLN B 44 5.90 -8.47 25.21
C GLN B 44 4.67 -8.77 25.86
N ASP B 45 3.83 -9.43 25.14
CA ASP B 45 2.66 -9.88 25.75
C ASP B 45 2.94 -10.80 26.79
N MET B 46 3.87 -11.69 26.58
CA MET B 46 4.04 -12.68 27.53
C MET B 46 4.40 -12.26 28.81
N PHE B 47 5.28 -11.34 28.83
CA PHE B 47 5.73 -10.88 30.04
C PHE B 47 4.64 -10.23 30.74
N ASP B 48 3.87 -9.38 30.07
CA ASP B 48 2.85 -8.68 30.78
C ASP B 48 1.89 -9.60 31.33
N ARG B 49 1.68 -10.60 30.50
CA ARG B 49 0.72 -11.59 30.52
C ARG B 49 0.88 -12.27 31.79
N THR B 50 2.08 -12.41 32.32
CA THR B 50 2.26 -13.29 33.42
C THR B 50 2.10 -12.52 34.63
N ASP B 51 1.34 -11.41 34.49
CA ASP B 51 1.04 -10.32 35.36
C ASP B 51 2.32 -9.75 35.56
N ASN B 52 3.22 -10.02 34.58
CA ASN B 52 4.56 -9.68 34.66
C ASN B 52 5.07 -10.78 35.48
N SER B 53 6.16 -11.39 35.06
CA SER B 53 6.84 -12.42 35.79
C SER B 53 8.09 -12.64 35.00
N TYR B 54 9.19 -12.02 35.53
CA TYR B 54 10.55 -11.83 35.06
C TYR B 54 10.79 -12.47 33.66
N GLY B 55 10.08 -12.04 32.58
CA GLY B 55 9.89 -12.84 31.40
C GLY B 55 10.80 -12.73 30.23
N VAL B 56 11.09 -11.50 29.86
CA VAL B 56 11.63 -11.12 28.57
C VAL B 56 12.91 -11.69 28.28
N ASN B 57 13.63 -11.50 29.29
CA ASN B 57 14.99 -11.56 29.46
C ASN B 57 15.31 -12.93 29.15
N GLU B 58 14.39 -13.76 29.65
CA GLU B 58 14.47 -15.14 29.58
C GLU B 58 14.53 -15.48 28.21
N VAL B 59 13.70 -14.86 27.44
CA VAL B 59 13.74 -15.07 26.09
C VAL B 59 14.97 -14.62 25.46
N LEU B 60 15.42 -13.46 25.87
CA LEU B 60 16.40 -12.80 25.11
C LEU B 60 17.59 -13.56 25.05
N LEU B 61 17.80 -14.04 26.23
CA LEU B 61 18.74 -15.01 26.48
C LEU B 61 18.41 -16.25 25.81
N SER B 62 17.14 -16.65 25.93
CA SER B 62 16.70 -17.97 25.66
C SER B 62 17.11 -18.26 24.33
N SER B 63 16.74 -17.33 23.51
CA SER B 63 17.10 -17.36 22.20
C SER B 63 18.55 -17.29 21.98
N ALA B 64 19.24 -16.43 22.72
CA ALA B 64 20.60 -16.26 22.33
C ALA B 64 21.47 -17.45 22.46
N MET B 65 21.50 -18.08 23.66
CA MET B 65 22.30 -19.26 24.01
C MET B 65 21.74 -20.30 23.17
N ALA B 66 20.39 -20.38 23.03
CA ALA B 66 19.80 -21.48 22.33
C ALA B 66 20.31 -21.49 20.95
N GLY B 67 20.46 -20.32 20.36
CA GLY B 67 21.00 -20.24 19.06
C GLY B 67 22.37 -20.80 19.07
N ILE B 68 23.15 -20.44 20.08
CA ILE B 68 24.50 -20.96 20.09
C ILE B 68 24.63 -22.45 20.28
N VAL B 69 23.96 -23.01 21.28
CA VAL B 69 24.06 -24.36 21.69
C VAL B 69 23.61 -25.25 20.62
N PHE B 70 22.52 -24.75 19.97
CA PHE B 70 21.82 -25.41 18.91
C PHE B 70 22.83 -25.57 17.83
N GLY B 71 23.67 -24.53 17.65
CA GLY B 71 24.79 -24.59 16.77
C GLY B 71 25.74 -25.69 17.13
N VAL B 72 26.01 -25.83 18.43
CA VAL B 72 27.11 -26.64 18.83
C VAL B 72 26.94 -28.05 18.56
N LEU B 73 25.86 -28.74 18.99
CA LEU B 73 25.88 -30.12 18.52
C LEU B 73 25.49 -30.13 17.13
N ALA B 74 24.62 -29.14 16.77
CA ALA B 74 24.04 -28.93 15.48
C ALA B 74 22.90 -29.87 15.20
N GLY B 75 21.75 -29.40 14.65
CA GLY B 75 20.65 -30.24 14.21
C GLY B 75 20.42 -30.03 12.77
N GLN B 76 19.56 -29.09 12.42
CA GLN B 76 19.41 -28.80 11.07
C GLN B 76 19.96 -27.50 11.04
N PRO B 77 20.77 -27.13 10.18
CA PRO B 77 21.40 -25.84 10.25
C PRO B 77 20.67 -25.12 9.28
N LEU B 78 19.85 -25.85 8.59
CA LEU B 78 19.02 -25.34 7.64
C LEU B 78 17.78 -25.14 8.36
N CYS B 79 17.74 -25.43 9.67
CA CYS B 79 16.62 -24.96 10.43
C CYS B 79 17.26 -24.44 11.65
N ILE B 80 16.46 -23.62 12.38
CA ILE B 80 16.88 -22.74 13.42
C ILE B 80 15.75 -22.68 14.42
N VAL B 81 16.06 -22.83 15.69
CA VAL B 81 15.03 -22.77 16.61
C VAL B 81 15.14 -21.59 17.44
N GLY B 82 13.99 -20.96 17.55
CA GLY B 82 13.63 -20.12 18.58
C GLY B 82 12.15 -20.04 18.48
N VAL B 83 11.63 -19.44 19.55
CA VAL B 83 10.36 -19.12 20.18
C VAL B 83 9.01 -19.16 19.42
N THR B 84 7.85 -19.00 20.12
CA THR B 84 6.56 -18.81 19.53
C THR B 84 5.59 -18.27 20.50
N GLY B 85 4.55 -17.65 19.96
CA GLY B 85 3.42 -17.16 20.65
C GLY B 85 2.84 -18.36 21.28
N PRO B 86 2.74 -19.44 20.64
CA PRO B 86 2.27 -20.58 21.33
C PRO B 86 3.04 -21.12 22.45
N ILE B 87 4.37 -21.07 22.53
CA ILE B 87 5.07 -21.53 23.71
C ILE B 87 4.61 -20.64 24.77
N SER B 88 4.40 -19.40 24.38
CA SER B 88 3.99 -18.39 25.26
C SER B 88 2.70 -18.77 25.85
N ILE B 89 1.81 -19.32 25.05
CA ILE B 89 0.52 -19.72 25.53
C ILE B 89 0.72 -20.72 26.60
N PHE B 90 1.66 -21.62 26.41
CA PHE B 90 1.92 -22.61 27.39
C PHE B 90 2.32 -21.99 28.62
N ASN B 91 3.14 -21.04 28.51
CA ASN B 91 3.55 -20.31 29.61
C ASN B 91 2.47 -19.63 30.31
N TYR B 92 1.47 -19.11 29.60
CA TYR B 92 0.36 -18.38 30.18
C TYR B 92 -0.22 -19.36 31.06
N THR B 93 -0.33 -20.56 30.60
CA THR B 93 -0.83 -21.57 31.42
C THR B 93 0.01 -21.76 32.54
N VAL B 94 1.29 -21.79 32.25
CA VAL B 94 2.14 -22.29 33.20
C VAL B 94 2.15 -21.49 34.37
N TYR B 95 2.22 -20.19 34.26
CA TYR B 95 2.04 -19.46 35.44
C TYR B 95 0.67 -19.61 35.90
N GLU B 96 -0.27 -19.56 35.01
CA GLU B 96 -1.57 -19.43 35.49
C GLU B 96 -2.09 -20.48 36.30
N ILE B 97 -1.88 -21.72 35.92
CA ILE B 97 -2.32 -22.84 36.66
C ILE B 97 -1.56 -22.94 37.89
N ILE B 98 -0.28 -22.57 37.85
CA ILE B 98 0.48 -22.65 39.08
C ILE B 98 -0.02 -21.68 40.06
N LYS B 99 -0.51 -20.52 39.70
CA LYS B 99 -0.77 -19.53 40.68
C LYS B 99 -1.70 -20.02 41.76
N PRO B 100 -2.83 -20.63 41.60
CA PRO B 100 -3.65 -21.12 42.67
C PRO B 100 -3.06 -22.26 43.37
N LEU B 101 -1.99 -22.74 42.86
CA LEU B 101 -1.48 -23.91 43.37
C LEU B 101 -0.13 -23.41 43.45
N ASN B 102 0.10 -22.28 44.15
CA ASN B 102 1.36 -21.57 44.16
C ASN B 102 2.38 -22.54 44.60
N THR B 103 3.50 -22.64 43.85
CA THR B 103 4.46 -23.66 44.12
C THR B 103 5.74 -23.19 43.58
N SER B 104 6.71 -24.09 43.76
CA SER B 104 8.03 -24.19 43.27
C SER B 104 7.91 -24.03 41.85
N TYR B 105 8.09 -22.78 41.45
CA TYR B 105 8.10 -22.39 40.12
C TYR B 105 9.26 -23.14 39.60
N PHE B 106 10.36 -23.12 40.37
CA PHE B 106 11.61 -23.72 40.01
C PHE B 106 11.44 -25.16 39.83
N GLY B 107 10.69 -25.81 40.72
CA GLY B 107 10.55 -27.22 40.57
C GLY B 107 9.83 -27.48 39.33
N PHE B 108 8.81 -26.70 39.10
CA PHE B 108 8.06 -26.91 37.95
C PHE B 108 8.78 -26.77 36.70
N MET B 109 9.61 -25.77 36.59
CA MET B 109 10.17 -25.44 35.31
C MET B 109 10.97 -26.50 34.84
N PHE B 110 11.69 -26.97 35.80
CA PHE B 110 12.51 -28.06 35.69
C PHE B 110 11.69 -29.18 35.33
N TRP B 111 10.60 -29.27 36.02
CA TRP B 111 10.02 -30.49 35.92
C TRP B 111 9.53 -30.83 34.66
N ILE B 112 8.91 -29.83 34.11
CA ILE B 112 8.21 -30.06 32.94
C ILE B 112 9.05 -30.53 31.88
N CYS B 113 10.19 -29.84 31.86
CA CYS B 113 11.15 -30.10 30.86
C CYS B 113 11.66 -31.44 30.99
N LEU B 114 11.93 -31.83 32.24
CA LEU B 114 12.52 -33.10 32.37
C LEU B 114 11.66 -34.23 31.90
N TRP B 115 10.37 -34.20 32.26
CA TRP B 115 9.68 -35.44 32.04
C TRP B 115 9.61 -35.84 30.60
N SER B 116 9.32 -34.77 29.87
CA SER B 116 9.18 -34.80 28.48
C SER B 116 10.37 -35.30 27.86
N MET B 117 11.45 -34.81 28.38
CA MET B 117 12.65 -35.15 27.87
C MET B 117 13.02 -36.52 27.98
N ILE B 118 12.69 -37.14 29.08
CA ILE B 118 13.19 -38.44 29.32
C ILE B 118 12.65 -39.27 28.30
N PHE B 119 11.40 -39.01 28.16
CA PHE B 119 10.60 -39.61 27.23
C PHE B 119 11.12 -39.39 25.92
N HIS B 120 11.59 -38.18 25.70
CA HIS B 120 12.10 -37.75 24.48
C HIS B 120 13.21 -38.64 24.12
N LEU B 121 14.05 -39.06 25.05
CA LEU B 121 15.19 -39.84 24.68
C LEU B 121 14.79 -41.06 23.96
N LEU B 122 13.81 -41.62 24.57
CA LEU B 122 13.28 -42.84 24.15
C LEU B 122 12.71 -42.66 22.80
N LEU B 123 11.99 -41.57 22.71
CA LEU B 123 11.21 -41.12 21.60
C LEU B 123 12.09 -41.00 20.41
N ALA B 124 13.33 -40.55 20.63
CA ALA B 124 14.27 -40.25 19.59
C ALA B 124 14.47 -41.50 18.87
N PHE B 125 14.57 -42.59 19.61
CA PHE B 125 14.55 -43.84 18.91
C PHE B 125 13.25 -44.11 18.17
N THR B 126 12.05 -43.89 18.74
CA THR B 126 10.78 -44.03 18.03
C THR B 126 10.68 -43.44 16.69
N ASN B 127 10.06 -44.21 15.79
CA ASN B 127 9.80 -43.84 14.44
C ASN B 127 8.46 -43.21 14.47
N VAL B 128 8.33 -42.12 15.18
CA VAL B 128 7.24 -41.20 15.23
C VAL B 128 7.24 -40.53 13.94
N VAL B 129 8.41 -40.59 13.37
CA VAL B 129 9.07 -40.07 12.28
C VAL B 129 8.32 -40.45 11.07
N CYS B 130 7.54 -41.45 11.19
CA CYS B 130 6.61 -41.82 10.20
C CYS B 130 5.72 -40.71 9.86
N LEU B 131 5.37 -39.97 10.86
CA LEU B 131 4.36 -39.04 10.79
C LEU B 131 4.61 -38.09 9.74
N LEU B 132 5.83 -37.87 9.61
CA LEU B 132 6.32 -36.93 8.75
C LEU B 132 6.03 -37.20 7.35
N GLN B 133 5.96 -38.45 7.08
CA GLN B 133 6.03 -38.95 5.77
C GLN B 133 5.07 -38.45 4.85
N TYR B 134 4.06 -38.12 5.53
CA TYR B 134 2.77 -38.02 5.13
C TYR B 134 2.68 -37.06 4.12
N VAL B 135 3.54 -36.14 4.18
CA VAL B 135 3.60 -35.25 3.15
C VAL B 135 3.83 -35.75 1.75
N THR B 136 2.96 -35.08 0.98
CA THR B 136 2.93 -34.74 -0.39
C THR B 136 1.94 -33.66 -0.16
N THR B 137 0.86 -33.42 -0.92
CA THR B 137 0.29 -32.12 -0.75
C THR B 137 -0.41 -31.52 0.61
N PHE B 138 -1.23 -32.28 1.37
CA PHE B 138 -1.96 -31.71 2.55
C PHE B 138 -1.51 -31.07 3.85
N PRO B 139 -0.62 -31.47 4.65
CA PRO B 139 -0.51 -30.80 5.92
C PRO B 139 0.04 -29.47 5.88
N CYS B 140 1.19 -29.44 5.26
CA CYS B 140 2.09 -28.43 5.54
C CYS B 140 1.65 -27.15 5.16
N ASP B 141 1.03 -27.04 3.96
CA ASP B 141 0.96 -25.64 3.59
C ASP B 141 0.08 -24.89 4.49
N ILE B 142 -0.88 -25.65 4.84
CA ILE B 142 -1.90 -25.39 5.73
C ILE B 142 -1.36 -25.09 7.02
N PHE B 143 -0.35 -25.86 7.37
CA PHE B 143 0.29 -25.79 8.60
C PHE B 143 0.75 -24.39 8.68
N GLY B 144 1.42 -23.99 7.61
CA GLY B 144 1.95 -22.67 7.58
C GLY B 144 0.85 -21.67 7.64
N LEU B 145 -0.30 -21.95 7.10
CA LEU B 145 -1.32 -20.99 7.26
C LEU B 145 -1.70 -20.77 8.70
N PHE B 146 -1.73 -21.81 9.54
CA PHE B 146 -2.11 -21.64 10.93
C PHE B 146 -1.21 -20.66 11.53
N ILE B 147 0.02 -20.84 11.22
CA ILE B 147 1.01 -20.02 11.77
C ILE B 147 0.79 -18.65 11.40
N ASN B 148 0.50 -18.45 10.13
CA ASN B 148 0.42 -17.13 9.65
C ASN B 148 -0.58 -16.36 10.33
N VAL B 149 -1.70 -17.03 10.50
CA VAL B 149 -2.84 -16.37 10.93
C VAL B 149 -2.59 -15.83 12.25
N VAL B 150 -2.01 -16.68 13.07
CA VAL B 150 -1.85 -16.26 14.39
C VAL B 150 -0.95 -15.11 14.43
N TYR B 151 0.02 -15.15 13.55
CA TYR B 151 0.96 -14.13 13.58
C TYR B 151 0.39 -12.83 13.33
N ILE B 152 -0.44 -12.79 12.33
CA ILE B 152 -0.99 -11.56 12.06
C ILE B 152 -1.89 -11.06 13.08
N GLN B 153 -2.76 -11.88 13.68
CA GLN B 153 -3.78 -11.36 14.57
C GLN B 153 -3.13 -10.75 15.69
N LYS B 154 -2.06 -11.40 16.09
CA LYS B 154 -1.29 -10.89 17.13
C LYS B 154 -0.74 -9.59 16.80
N GLY B 155 -0.27 -9.42 15.56
CA GLY B 155 0.42 -8.23 15.18
C GLY B 155 -0.46 -7.13 15.41
N ILE B 156 -1.70 -7.35 15.06
CA ILE B 156 -2.66 -6.36 15.23
C ILE B 156 -2.84 -6.06 16.62
N GLN B 157 -2.84 -7.07 17.46
CA GLN B 157 -3.09 -6.76 18.79
C GLN B 157 -2.05 -5.91 19.29
N ILE B 158 -0.88 -6.18 18.85
CA ILE B 158 0.16 -5.44 19.37
C ILE B 158 0.01 -4.04 19.06
N LEU B 159 -0.37 -3.75 17.86
CA LEU B 159 -0.62 -2.40 17.61
C LEU B 159 -1.67 -1.86 18.42
N THR B 160 -2.73 -2.62 18.47
CA THR B 160 -3.88 -2.07 18.99
C THR B 160 -3.69 -1.81 20.38
N ARG B 161 -2.93 -2.66 21.02
CA ARG B 161 -2.58 -2.44 22.34
C ARG B 161 -1.89 -1.16 22.53
N GLN B 162 -0.99 -0.95 21.58
CA GLN B 162 -0.23 0.23 21.54
C GLN B 162 -1.07 1.43 21.38
N PHE B 163 -2.14 1.36 20.62
CA PHE B 163 -3.04 2.46 20.60
C PHE B 163 -3.68 2.75 21.95
N HIS B 164 -4.11 1.69 22.57
CA HIS B 164 -5.11 1.80 23.57
C HIS B 164 -4.86 2.57 24.82
N ASN B 165 -3.67 2.46 25.45
CA ASN B 165 -3.59 3.05 26.81
C ASN B 165 -3.91 4.51 26.76
N THR B 166 -3.33 5.15 25.76
CA THR B 166 -3.65 6.47 25.41
C THR B 166 -4.97 6.45 24.72
N SER B 167 -5.55 7.64 24.81
CA SER B 167 -6.73 8.26 24.32
C SER B 167 -7.43 7.70 23.12
N GLY B 168 -8.58 8.34 22.76
CA GLY B 168 -9.53 7.93 21.72
C GLY B 168 -10.50 9.00 21.20
N GLU B 169 -10.02 10.27 21.04
CA GLU B 169 -10.76 11.38 20.43
C GLU B 169 -9.76 12.42 19.89
N LYS B 170 -10.23 13.40 19.05
CA LYS B 170 -9.55 14.50 18.32
C LYS B 170 -8.18 15.07 18.79
N SER B 171 -7.28 15.51 17.82
CA SER B 171 -6.01 16.26 17.94
C SER B 171 -5.02 15.94 16.88
N VAL B 172 -4.49 14.71 16.75
CA VAL B 172 -4.84 13.52 17.47
C VAL B 172 -3.76 13.28 18.44
N GLN B 173 -3.88 12.22 19.28
CA GLN B 173 -3.01 11.87 20.37
C GLN B 173 -2.82 10.40 20.42
N ASP B 174 -2.49 9.70 19.32
CA ASP B 174 -2.58 8.30 19.50
C ASP B 174 -1.91 7.48 18.51
N GLY B 175 -2.07 6.20 18.80
CA GLY B 175 -1.68 5.01 18.19
C GLY B 175 -2.03 5.05 16.80
N PHE B 176 -2.88 5.94 16.36
CA PHE B 176 -3.28 6.10 15.02
C PHE B 176 -2.16 6.52 14.27
N ALA B 177 -1.37 7.41 14.81
CA ALA B 177 -0.26 7.88 14.07
C ALA B 177 0.62 6.75 13.80
N SER B 178 0.72 6.04 14.85
CA SER B 178 1.49 4.92 15.04
C SER B 178 1.06 3.90 14.12
N VAL B 179 -0.23 3.83 13.99
CA VAL B 179 -0.91 2.87 13.25
C VAL B 179 -0.45 3.05 11.92
N VAL B 180 -0.36 4.31 11.56
CA VAL B 180 0.06 4.60 10.28
C VAL B 180 1.39 4.07 10.06
N VAL B 181 2.28 4.30 10.98
CA VAL B 181 3.62 3.99 10.67
C VAL B 181 3.89 2.60 10.33
N ALA B 182 3.31 1.74 11.12
CA ALA B 182 3.51 0.36 10.99
C ALA B 182 3.03 0.00 9.70
N LEU B 183 1.91 0.50 9.34
CA LEU B 183 1.40 0.16 8.08
C LEU B 183 2.23 0.57 6.96
N VAL B 184 2.74 1.77 7.10
CA VAL B 184 3.15 2.51 5.95
C VAL B 184 4.29 1.84 5.37
N MET B 185 5.00 1.43 6.36
CA MET B 185 6.12 0.68 6.32
C MET B 185 5.75 -0.56 5.61
N THR B 186 4.60 -1.10 5.93
CA THR B 186 4.26 -2.36 5.38
C THR B 186 4.15 -2.32 3.92
N ALA B 187 3.59 -1.23 3.42
CA ALA B 187 3.42 -1.19 2.01
C ALA B 187 4.70 -1.31 1.26
N PHE B 188 5.64 -0.56 1.78
CA PHE B 188 6.84 -0.45 1.03
C PHE B 188 7.59 -1.71 0.87
N GLY B 189 7.58 -2.44 1.99
CA GLY B 189 8.33 -3.66 2.17
C GLY B 189 7.95 -4.64 1.21
N LEU B 190 6.66 -4.63 1.00
CA LEU B 190 6.02 -5.53 0.16
C LEU B 190 6.64 -5.34 -1.14
N PHE B 191 6.79 -4.09 -1.51
CA PHE B 191 7.39 -3.80 -2.75
C PHE B 191 8.70 -4.31 -2.84
N PHE B 192 9.42 -4.17 -1.77
CA PHE B 192 10.77 -4.54 -1.78
C PHE B 192 10.96 -5.96 -2.08
N LYS B 193 10.12 -6.73 -1.55
CA LYS B 193 10.04 -8.10 -1.81
C LYS B 193 9.77 -8.44 -3.24
N SER B 194 8.92 -7.63 -3.84
CA SER B 194 8.20 -8.05 -4.99
C SER B 194 8.74 -8.48 -6.31
N PHE B 195 9.80 -7.95 -6.88
CA PHE B 195 10.28 -8.48 -8.14
C PHE B 195 10.69 -9.79 -7.93
N HIS B 196 11.27 -10.04 -6.78
CA HIS B 196 11.67 -11.38 -6.62
C HIS B 196 10.55 -12.33 -6.75
N HIS B 197 9.41 -12.18 -6.07
CA HIS B 197 8.45 -13.19 -6.47
C HIS B 197 7.80 -13.02 -7.78
N TYR B 198 7.43 -11.80 -8.14
CA TYR B 198 6.70 -11.59 -9.35
C TYR B 198 7.61 -10.50 -9.85
N PRO B 199 8.59 -10.79 -10.68
CA PRO B 199 9.59 -9.91 -11.24
C PRO B 199 9.21 -8.68 -11.85
N LEU B 200 10.26 -7.96 -12.20
CA LEU B 200 10.13 -6.78 -12.93
C LEU B 200 11.52 -6.31 -13.09
N PHE B 201 12.41 -6.30 -12.05
CA PHE B 201 13.70 -5.62 -12.24
C PHE B 201 15.04 -6.27 -11.98
N THR B 202 16.08 -5.62 -12.59
CA THR B 202 17.45 -6.01 -12.81
C THR B 202 18.05 -6.85 -11.79
N HIS B 203 18.69 -7.92 -12.24
CA HIS B 203 18.82 -9.10 -11.47
C HIS B 203 19.46 -8.89 -10.22
N LYS B 204 20.66 -8.47 -10.33
CA LYS B 204 21.44 -8.20 -9.24
C LYS B 204 20.86 -7.12 -8.49
N ILE B 205 20.36 -6.10 -9.18
CA ILE B 205 20.02 -4.86 -8.54
C ILE B 205 19.01 -5.13 -7.55
N ARG B 206 18.09 -5.93 -8.01
CA ARG B 206 17.00 -6.46 -7.34
C ARG B 206 17.57 -7.27 -6.28
N THR B 207 18.57 -8.05 -6.54
CA THR B 207 18.98 -8.89 -5.50
C THR B 207 19.52 -8.16 -4.35
N PHE B 208 20.41 -7.16 -4.58
CA PHE B 208 21.07 -6.44 -3.52
C PHE B 208 20.04 -5.82 -2.80
N ILE B 209 19.17 -5.13 -3.49
CA ILE B 209 18.21 -4.46 -2.74
C ILE B 209 17.24 -5.34 -1.99
N SER B 210 16.69 -6.39 -2.59
CA SER B 210 15.58 -7.00 -1.92
C SER B 210 15.95 -7.81 -0.79
N ASP B 211 17.16 -8.23 -0.75
CA ASP B 211 17.41 -9.15 0.28
C ASP B 211 17.44 -8.62 1.69
N TYR B 212 17.83 -7.37 1.97
CA TYR B 212 17.89 -7.00 3.37
C TYR B 212 16.70 -6.29 3.72
N SER B 213 15.57 -6.79 3.24
CA SER B 213 14.40 -6.04 3.29
C SER B 213 14.12 -5.74 4.66
N THR B 214 14.20 -6.72 5.48
CA THR B 214 13.86 -6.53 6.81
C THR B 214 14.72 -5.53 7.47
N ALA B 215 16.02 -5.61 7.28
CA ALA B 215 16.81 -4.66 7.97
C ALA B 215 16.47 -3.32 7.55
N LEU B 216 16.29 -3.25 6.27
CA LEU B 216 16.17 -2.00 5.68
C LEU B 216 15.08 -1.32 6.20
N SER B 217 14.01 -2.03 6.31
CA SER B 217 12.81 -1.46 6.74
C SER B 217 12.89 -0.96 8.08
N VAL B 218 13.48 -1.76 8.99
CA VAL B 218 13.33 -1.40 10.35
C VAL B 218 13.93 -0.12 10.53
N LEU B 219 15.06 -0.07 9.90
CA LEU B 219 15.74 1.10 9.79
C LEU B 219 15.06 2.13 9.07
N PHE B 220 14.45 1.81 7.95
CA PHE B 220 14.04 2.79 7.01
C PHE B 220 13.08 3.65 7.66
N TRP B 221 12.09 3.08 8.34
CA TRP B 221 11.27 3.99 9.05
C TRP B 221 11.94 4.59 10.21
N SER B 222 12.71 3.73 10.85
CA SER B 222 13.17 4.05 12.14
C SER B 222 13.90 5.33 12.13
N SER B 223 14.61 5.59 11.05
CA SER B 223 15.37 6.78 10.91
C SER B 223 14.51 8.00 10.98
N PHE B 224 13.22 7.95 10.60
CA PHE B 224 12.38 9.08 10.81
C PHE B 224 12.36 9.29 12.24
N THR B 225 12.15 8.25 12.99
CA THR B 225 12.28 8.54 14.38
C THR B 225 13.62 9.00 14.82
N HIS B 226 14.74 8.47 14.30
CA HIS B 226 16.07 8.90 14.70
C HIS B 226 16.31 10.32 14.37
N PHE B 227 15.76 10.84 13.27
CA PHE B 227 16.04 12.16 12.82
C PHE B 227 14.69 12.67 12.60
N GLY B 228 13.89 12.62 13.68
CA GLY B 228 12.61 13.26 13.80
C GLY B 228 11.62 13.05 12.72
N GLY B 229 10.43 13.65 12.85
CA GLY B 229 9.44 13.47 11.85
C GLY B 229 8.66 14.67 11.49
N TYR B 230 7.83 14.39 10.47
CA TYR B 230 6.72 15.17 10.09
C TYR B 230 5.67 14.56 10.97
N LEU B 231 6.06 13.58 11.84
CA LEU B 231 5.27 12.93 12.85
C LEU B 231 5.92 12.67 14.20
N ASN B 232 7.04 11.86 14.27
CA ASN B 232 7.51 11.16 15.47
C ASN B 232 7.99 11.98 16.62
N ASP B 233 7.29 13.06 16.78
CA ASP B 233 7.56 14.23 17.48
C ASP B 233 6.73 14.30 18.69
N VAL B 234 6.41 13.16 19.31
CA VAL B 234 5.68 13.12 20.53
C VAL B 234 6.04 11.81 21.08
N LYS B 235 5.26 11.33 22.06
CA LYS B 235 5.46 10.08 22.74
C LYS B 235 5.42 9.05 21.72
N PHE B 236 6.34 8.10 21.78
CA PHE B 236 6.42 7.02 20.83
C PHE B 236 6.92 5.85 21.57
N LYS B 237 6.94 4.66 20.93
CA LYS B 237 7.19 3.44 21.65
C LYS B 237 8.33 2.77 21.10
N LYS B 238 8.92 1.88 21.93
CA LYS B 238 10.12 1.14 21.75
C LYS B 238 10.09 0.00 22.71
N LEU B 239 11.08 -0.20 23.64
CA LEU B 239 11.25 -1.39 24.48
C LEU B 239 11.34 -1.21 25.97
N PRO B 240 10.67 -1.98 26.76
CA PRO B 240 11.01 -2.10 28.15
C PRO B 240 11.67 -3.39 28.16
N ILE B 241 12.47 -3.61 29.20
CA ILE B 241 13.37 -4.71 29.34
C ILE B 241 14.36 -4.21 30.41
N THR B 242 15.20 -5.08 31.13
CA THR B 242 16.14 -4.83 32.28
C THR B 242 17.59 -4.47 31.93
N LYS B 243 18.41 -3.98 32.90
CA LYS B 243 19.78 -3.73 32.63
C LYS B 243 20.59 -4.84 33.18
N SER B 244 20.00 -5.99 33.46
CA SER B 244 20.80 -6.98 34.04
C SER B 244 20.30 -8.30 33.66
N PHE B 245 20.24 -9.20 34.63
CA PHE B 245 19.85 -10.56 34.58
C PHE B 245 19.20 -10.71 35.93
N PHE B 246 18.73 -11.93 36.31
CA PHE B 246 18.20 -12.31 37.63
C PHE B 246 19.00 -13.62 37.81
N PRO B 247 19.26 -14.21 38.99
CA PRO B 247 19.92 -15.51 39.11
C PRO B 247 19.14 -16.49 38.32
N THR B 248 19.70 -17.24 37.37
CA THR B 248 18.92 -18.16 36.60
C THR B 248 18.99 -19.46 37.32
N SER B 249 18.89 -19.36 38.67
CA SER B 249 19.22 -20.33 39.68
C SER B 249 18.27 -20.37 40.86
N LYS B 250 18.29 -21.53 41.57
CA LYS B 250 17.78 -21.65 42.89
C LYS B 250 18.58 -22.73 43.42
N PHE B 251 19.81 -22.32 43.84
CA PHE B 251 20.89 -23.08 44.43
C PHE B 251 21.96 -22.06 44.81
N ASN B 252 23.23 -22.43 45.19
CA ASN B 252 24.24 -21.44 45.65
C ASN B 252 25.48 -21.28 44.77
N ARG B 253 25.77 -22.28 43.88
CA ARG B 253 26.89 -22.57 42.97
C ARG B 253 27.54 -21.49 42.10
N PRO B 254 28.64 -21.73 41.40
CA PRO B 254 29.24 -20.65 40.66
C PRO B 254 28.91 -20.87 39.25
N GLN B 255 29.01 -22.14 38.94
CA GLN B 255 28.92 -22.81 37.71
C GLN B 255 28.35 -24.14 38.13
N ASN B 256 27.47 -24.78 37.24
CA ASN B 256 26.44 -25.86 37.48
C ASN B 256 26.36 -27.24 36.66
N THR B 257 25.12 -27.75 36.17
CA THR B 257 24.79 -29.13 35.68
C THR B 257 23.89 -29.31 34.47
N TRP B 258 23.69 -30.57 34.15
CA TRP B 258 22.74 -31.08 33.27
C TRP B 258 21.94 -31.90 34.18
N LEU B 259 21.68 -33.22 33.94
CA LEU B 259 20.79 -34.09 34.73
C LEU B 259 20.69 -33.73 36.12
N ALA B 260 19.49 -33.78 36.67
CA ALA B 260 19.28 -33.43 38.00
C ALA B 260 17.90 -33.79 38.38
N TYR B 261 17.54 -33.31 39.63
CA TYR B 261 16.37 -33.40 40.54
C TYR B 261 16.74 -32.59 41.93
N GLU B 262 15.82 -31.87 42.78
CA GLU B 262 16.06 -30.88 43.96
C GLU B 262 15.23 -31.16 45.32
N PRO B 263 15.24 -30.49 46.54
CA PRO B 263 14.63 -31.00 47.82
C PRO B 263 13.31 -30.53 48.47
N ILE B 264 12.07 -31.03 48.24
CA ILE B 264 10.89 -30.30 48.77
C ILE B 264 9.60 -31.15 48.74
N PRO B 265 8.41 -30.65 49.12
CA PRO B 265 7.09 -31.27 49.08
C PRO B 265 6.67 -32.03 47.91
N VAL B 266 5.95 -33.07 48.15
CA VAL B 266 5.49 -33.99 47.20
C VAL B 266 4.48 -33.82 46.15
N LYS B 267 3.33 -33.21 46.40
CA LYS B 267 2.25 -33.29 45.44
C LYS B 267 2.63 -32.67 44.21
N ASP B 268 3.22 -31.57 44.56
CA ASP B 268 3.77 -30.58 43.81
C ASP B 268 4.89 -31.20 43.16
N VAL B 269 5.61 -32.11 43.82
CA VAL B 269 6.57 -32.78 43.01
C VAL B 269 5.98 -33.54 41.89
N PHE B 270 4.82 -34.13 42.05
CA PHE B 270 4.37 -34.86 40.91
C PHE B 270 3.88 -34.11 39.76
N ILE B 271 2.99 -33.18 40.02
CA ILE B 271 2.07 -32.92 38.95
C ILE B 271 2.45 -31.92 37.90
N ALA B 272 3.72 -31.57 37.72
CA ALA B 272 4.19 -30.75 36.61
C ALA B 272 4.09 -31.49 35.35
N LEU B 273 3.98 -32.76 35.63
CA LEU B 273 4.16 -33.89 34.88
C LEU B 273 3.33 -33.75 33.70
N PRO B 274 2.12 -33.33 33.58
CA PRO B 274 1.51 -33.26 32.27
C PRO B 274 2.17 -32.35 31.30
N PHE B 275 2.40 -31.25 31.93
CA PHE B 275 2.37 -30.05 31.22
C PHE B 275 3.49 -29.97 30.28
N GLY B 276 4.60 -30.53 30.71
CA GLY B 276 5.66 -30.55 29.77
C GLY B 276 5.36 -31.29 28.55
N ILE B 277 4.62 -32.35 28.72
CA ILE B 277 4.53 -33.29 27.68
C ILE B 277 3.93 -32.79 26.50
N ILE B 278 2.89 -32.12 26.78
CA ILE B 278 2.07 -31.62 25.80
C ILE B 278 2.82 -30.61 25.11
N LEU B 279 3.63 -29.92 25.88
CA LEU B 279 4.53 -29.07 25.23
C LEU B 279 5.41 -29.82 24.29
N THR B 280 5.89 -30.94 24.71
CA THR B 280 6.95 -31.54 24.00
C THR B 280 6.67 -31.94 22.64
N ILE B 281 5.51 -32.49 22.59
CA ILE B 281 5.08 -33.11 21.43
C ILE B 281 4.95 -32.12 20.43
N LEU B 282 4.47 -31.00 20.94
CA LEU B 282 4.22 -29.90 20.16
C LEU B 282 5.45 -29.56 19.56
N PHE B 283 6.50 -29.41 20.31
CA PHE B 283 7.69 -29.00 19.73
C PHE B 283 8.10 -29.82 18.68
N TYR B 284 7.94 -31.08 18.92
CA TYR B 284 8.43 -32.04 18.07
C TYR B 284 7.86 -31.78 16.82
N PHE B 285 6.61 -31.59 16.89
CA PHE B 285 5.84 -31.49 15.78
C PHE B 285 6.28 -30.46 15.04
N ASP B 286 6.50 -29.42 15.71
CA ASP B 286 6.63 -28.18 15.14
C ASP B 286 7.69 -28.23 14.32
N HIS B 287 8.69 -28.73 14.94
CA HIS B 287 9.92 -28.79 14.39
C HIS B 287 9.81 -29.55 13.20
N ASN B 288 9.13 -30.62 13.34
CA ASN B 288 8.99 -31.39 12.24
C ASN B 288 8.29 -30.71 11.14
N VAL B 289 7.17 -30.12 11.39
CA VAL B 289 6.35 -29.75 10.29
C VAL B 289 6.93 -28.82 9.44
N SER B 290 7.58 -27.97 10.15
CA SER B 290 8.24 -26.92 9.57
C SER B 290 9.23 -27.49 8.71
N SER B 291 9.95 -28.42 9.31
CA SER B 291 11.08 -28.91 8.68
C SER B 291 10.67 -29.49 7.49
N LEU B 292 9.55 -30.12 7.50
CA LEU B 292 9.15 -30.65 6.31
C LEU B 292 8.92 -29.71 5.27
N MET B 293 8.25 -28.62 5.53
CA MET B 293 8.00 -27.80 4.41
C MET B 293 9.23 -27.31 3.83
N ALA B 294 10.14 -26.96 4.68
CA ALA B 294 11.33 -26.51 4.12
C ALA B 294 12.00 -27.55 3.35
N GLN B 295 12.05 -28.69 3.96
CA GLN B 295 12.93 -29.70 3.57
C GLN B 295 12.59 -30.15 2.23
N ARG B 296 11.34 -30.00 1.91
CA ARG B 296 10.73 -30.48 0.76
C ARG B 296 11.44 -30.51 -0.52
N HIS B 297 10.84 -31.30 -1.37
CA HIS B 297 11.41 -31.69 -2.57
C HIS B 297 10.91 -30.75 -3.62
N GLN B 298 10.06 -29.74 -3.32
CA GLN B 298 9.91 -28.67 -4.31
C GLN B 298 11.06 -27.88 -4.00
N TYR B 299 11.42 -27.93 -2.73
CA TYR B 299 12.52 -27.28 -2.22
C TYR B 299 13.58 -28.23 -2.29
N LYS B 300 13.49 -29.05 -3.32
CA LYS B 300 14.37 -30.01 -3.82
C LYS B 300 15.35 -30.52 -2.90
N LEU B 301 14.93 -31.03 -1.74
CA LEU B 301 15.96 -31.31 -0.82
C LEU B 301 15.78 -32.64 -0.23
N ARG B 302 16.93 -33.37 -0.33
CA ARG B 302 17.40 -34.53 0.38
C ARG B 302 18.98 -34.31 0.16
N LYS B 303 19.49 -33.12 -0.33
CA LYS B 303 20.90 -32.88 -0.64
C LYS B 303 21.76 -32.82 0.55
N PRO B 304 22.60 -33.79 0.75
CA PRO B 304 23.39 -33.95 1.92
C PRO B 304 22.92 -33.27 3.16
N SER B 305 21.99 -33.80 3.98
CA SER B 305 21.44 -33.07 5.14
C SER B 305 20.73 -34.02 6.19
N SER B 306 20.12 -33.55 7.38
CA SER B 306 19.60 -34.36 8.56
C SER B 306 18.07 -34.57 8.85
N PHE B 307 17.40 -35.79 8.63
CA PHE B 307 15.96 -35.78 8.87
C PHE B 307 15.67 -35.84 10.40
N HIS B 308 16.23 -36.85 11.05
CA HIS B 308 15.97 -37.03 12.42
C HIS B 308 16.54 -36.11 13.38
N TYR B 309 17.81 -35.89 13.11
CA TYR B 309 18.79 -35.77 14.16
C TYR B 309 18.47 -34.66 15.04
N ASP B 310 18.05 -33.70 14.31
CA ASP B 310 17.75 -32.42 14.71
C ASP B 310 16.63 -32.63 15.62
N PHE B 311 15.75 -33.61 15.35
CA PHE B 311 14.83 -33.87 16.40
C PHE B 311 15.35 -34.33 17.71
N ALA B 312 16.26 -35.28 17.73
CA ALA B 312 16.65 -35.80 19.00
C ALA B 312 17.23 -34.73 19.81
N LEU B 313 18.05 -34.03 19.10
CA LEU B 313 18.83 -33.03 19.63
C LEU B 313 17.92 -32.05 20.19
N LEU B 314 16.89 -31.73 19.45
CA LEU B 314 16.04 -30.67 19.80
C LEU B 314 15.45 -30.95 21.09
N GLY B 315 14.97 -32.16 21.32
CA GLY B 315 14.23 -32.29 22.53
C GLY B 315 15.03 -32.08 23.64
N LEU B 316 16.26 -32.51 23.52
CA LEU B 316 17.07 -32.26 24.62
C LEU B 316 17.21 -30.86 24.83
N THR B 317 17.40 -30.16 23.77
CA THR B 317 17.66 -28.80 23.96
C THR B 317 16.57 -28.08 24.58
N THR B 318 15.41 -28.45 24.21
CA THR B 318 14.25 -27.89 24.74
C THR B 318 14.16 -28.14 26.14
N CYS B 319 14.55 -29.34 26.47
CA CYS B 319 14.54 -29.74 27.79
C CYS B 319 15.40 -28.85 28.58
N ILE B 320 16.54 -28.60 28.03
CA ILE B 320 17.55 -27.80 28.55
C ILE B 320 17.00 -26.43 28.74
N SER B 321 16.11 -26.00 27.84
CA SER B 321 15.59 -24.67 27.92
C SER B 321 14.90 -24.50 29.23
N GLY B 322 14.20 -25.56 29.62
CA GLY B 322 13.64 -25.61 30.93
C GLY B 322 14.66 -25.53 32.03
N VAL B 323 15.84 -26.15 31.80
CA VAL B 323 16.85 -26.28 32.82
C VAL B 323 17.47 -25.05 33.35
N LEU B 324 17.88 -24.05 32.57
CA LEU B 324 18.42 -22.94 33.36
C LEU B 324 17.39 -22.18 34.06
N GLY B 325 16.28 -22.36 33.38
CA GLY B 325 15.14 -21.56 33.41
C GLY B 325 15.46 -20.67 32.26
N ILE B 326 14.60 -20.74 31.19
CA ILE B 326 14.54 -19.97 29.95
C ILE B 326 13.52 -20.56 28.96
N PRO B 327 12.80 -19.74 28.24
CA PRO B 327 11.84 -20.05 27.21
C PRO B 327 12.11 -21.13 26.24
N ALA B 328 11.06 -21.70 25.63
CA ALA B 328 11.25 -22.71 24.64
C ALA B 328 11.61 -22.06 23.37
N PRO B 329 12.74 -22.31 22.79
CA PRO B 329 13.04 -21.92 21.45
C PRO B 329 12.28 -22.94 20.67
N ASN B 330 11.78 -22.56 19.53
CA ASN B 330 10.79 -23.21 18.76
C ASN B 330 11.27 -23.18 17.38
N GLY B 331 10.65 -23.68 16.36
CA GLY B 331 11.26 -23.76 15.05
C GLY B 331 10.99 -22.49 14.36
N LEU B 332 11.93 -21.82 13.72
CA LEU B 332 11.75 -20.47 13.27
C LEU B 332 11.11 -20.40 11.97
N ILE B 333 9.83 -20.52 12.17
CA ILE B 333 8.92 -20.94 11.25
C ILE B 333 9.03 -20.43 9.95
N PRO B 334 8.72 -19.34 9.45
CA PRO B 334 8.86 -19.13 8.06
C PRO B 334 10.21 -18.95 7.76
N GLN B 335 10.83 -18.60 8.82
CA GLN B 335 11.90 -17.78 8.77
C GLN B 335 13.00 -18.44 8.27
N ALA B 336 13.13 -19.61 8.78
CA ALA B 336 14.07 -20.48 8.29
C ALA B 336 13.73 -20.72 6.87
N PRO B 337 12.57 -20.98 6.49
CA PRO B 337 12.28 -21.25 5.13
C PRO B 337 12.63 -20.27 4.18
N LEU B 338 12.39 -19.09 4.59
CA LEU B 338 12.52 -18.03 3.72
C LEU B 338 13.92 -17.90 3.44
N HIS B 339 14.74 -18.23 4.43
CA HIS B 339 16.13 -18.22 4.26
C HIS B 339 16.48 -19.12 3.25
N THR B 340 15.70 -20.12 3.21
CA THR B 340 16.06 -21.15 2.41
C THR B 340 15.80 -20.72 1.07
N GLU B 341 14.82 -19.87 0.87
CA GLU B 341 14.68 -19.35 -0.43
C GLU B 341 15.86 -18.56 -0.77
N THR B 342 16.43 -18.00 0.24
CA THR B 342 17.59 -17.23 0.13
C THR B 342 18.73 -17.95 -0.28
N LEU B 343 18.82 -19.17 0.18
CA LEU B 343 20.05 -19.85 0.07
C LEU B 343 19.96 -20.67 -1.10
N LEU B 344 19.66 -20.00 -2.20
CA LEU B 344 19.39 -20.74 -3.34
C LEU B 344 19.55 -19.84 -4.46
N VAL B 345 19.56 -20.47 -5.63
CA VAL B 345 19.52 -19.79 -6.86
C VAL B 345 18.11 -19.59 -7.19
N ARG B 346 17.79 -18.38 -7.52
CA ARG B 346 16.58 -18.02 -8.10
C ARG B 346 16.94 -16.85 -8.80
N ASP B 347 18.11 -16.23 -8.50
CA ASP B 347 18.68 -15.07 -9.10
C ASP B 347 18.37 -15.15 -10.48
N SER B 348 19.03 -16.16 -11.05
CA SER B 348 18.84 -16.82 -12.28
C SER B 348 17.80 -16.23 -13.13
N ASN B 349 16.58 -16.39 -12.74
CA ASN B 349 15.58 -15.66 -13.40
C ASN B 349 14.82 -15.62 -12.19
N GLN B 350 14.41 -16.79 -11.77
CA GLN B 350 13.63 -16.90 -10.63
C GLN B 350 13.82 -18.30 -10.32
N ASN B 351 14.91 -18.86 -10.79
CA ASN B 351 14.95 -20.26 -10.92
C ASN B 351 15.69 -20.82 -9.88
N VAL B 352 15.01 -21.71 -9.22
CA VAL B 352 15.58 -22.67 -8.37
C VAL B 352 16.68 -23.33 -9.05
N VAL B 353 17.84 -23.28 -8.41
CA VAL B 353 18.92 -24.02 -8.90
C VAL B 353 19.63 -24.37 -7.65
N ARG B 354 20.97 -24.30 -7.58
CA ARG B 354 21.70 -24.96 -6.54
C ARG B 354 21.38 -24.55 -5.17
N CYS B 355 21.29 -25.58 -4.28
CA CYS B 355 21.08 -25.41 -2.88
C CYS B 355 22.05 -24.53 -2.42
N VAL B 356 21.87 -24.07 -1.26
CA VAL B 356 22.97 -23.51 -0.69
C VAL B 356 22.58 -23.98 0.60
N GLU B 357 23.52 -24.60 1.25
CA GLU B 357 23.33 -25.21 2.51
C GLU B 357 24.60 -24.73 3.21
N GLN B 358 24.75 -24.84 4.59
CA GLN B 358 25.89 -24.42 5.46
C GLN B 358 25.44 -24.44 6.89
N ARG B 359 26.37 -24.57 7.85
CA ARG B 359 26.08 -24.21 9.21
C ARG B 359 26.25 -22.81 9.42
N LEU B 360 27.12 -22.17 8.67
CA LEU B 360 27.60 -20.97 9.30
C LEU B 360 26.62 -19.85 9.55
N THR B 361 25.72 -19.49 8.61
CA THR B 361 24.89 -18.33 8.85
C THR B 361 24.10 -18.53 10.03
N ASN B 362 23.51 -19.70 10.08
CA ASN B 362 22.65 -20.13 11.08
C ASN B 362 23.36 -20.19 12.32
N THR B 363 24.58 -20.66 12.30
CA THR B 363 25.29 -20.75 13.53
C THR B 363 25.45 -19.40 14.06
N PHE B 364 25.80 -18.46 13.20
CA PHE B 364 26.04 -17.11 13.55
C PHE B 364 24.81 -16.52 14.06
N GLN B 365 23.74 -16.85 13.41
CA GLN B 365 22.44 -16.40 13.67
C GLN B 365 22.10 -16.81 14.98
N GLY B 366 22.52 -17.99 15.37
CA GLY B 366 22.25 -18.49 16.64
C GLY B 366 23.07 -17.68 17.55
N LEU B 367 24.34 -17.69 17.21
CA LEU B 367 25.32 -17.43 18.14
C LEU B 367 25.45 -16.04 18.42
N MET B 368 25.79 -15.29 17.38
CA MET B 368 26.21 -13.93 17.36
C MET B 368 25.81 -13.13 18.48
N ILE B 369 26.73 -12.30 18.94
CA ILE B 369 26.60 -11.35 20.01
C ILE B 369 25.30 -10.66 19.99
N LEU B 370 24.68 -10.54 18.83
CA LEU B 370 23.53 -9.77 18.65
C LEU B 370 22.48 -10.53 19.31
N GLY B 371 22.43 -11.81 18.92
CA GLY B 371 21.51 -12.75 19.42
C GLY B 371 22.27 -13.38 20.47
N THR B 372 22.46 -12.55 21.49
CA THR B 372 23.23 -12.62 22.66
C THR B 372 23.02 -11.26 23.13
N MET B 373 24.12 -10.63 23.61
CA MET B 373 24.38 -9.34 24.15
C MET B 373 23.50 -8.40 23.53
N THR B 374 23.00 -7.56 24.38
CA THR B 374 21.99 -6.69 24.01
C THR B 374 22.09 -5.54 24.92
N ARG B 375 22.75 -5.70 26.10
CA ARG B 375 22.64 -4.66 27.07
C ARG B 375 23.22 -3.36 26.66
N PRO B 376 24.36 -3.16 26.10
CA PRO B 376 24.64 -1.90 25.51
C PRO B 376 23.94 -1.81 24.21
N LEU B 377 23.56 -2.97 23.60
CA LEU B 377 22.99 -3.00 22.26
C LEU B 377 21.71 -2.44 22.24
N LEU B 378 21.23 -2.24 23.45
CA LEU B 378 20.04 -1.72 23.86
C LEU B 378 19.89 -0.53 23.10
N VAL B 379 20.94 0.26 22.89
CA VAL B 379 20.78 1.48 22.19
C VAL B 379 20.16 1.22 20.89
N CYS B 380 20.59 0.27 20.08
CA CYS B 380 19.80 0.00 18.95
C CYS B 380 18.51 -0.56 19.37
N LEU B 381 18.47 -1.49 20.27
CA LEU B 381 17.22 -2.13 20.44
C LEU B 381 16.14 -1.33 20.98
N GLY B 382 16.51 -0.50 21.89
CA GLY B 382 15.75 0.51 22.46
C GLY B 382 15.44 1.48 21.47
N GLU B 383 16.40 1.74 20.57
CA GLU B 383 16.17 2.73 19.55
C GLU B 383 15.05 2.18 18.72
N ILE B 384 14.93 0.84 18.59
CA ILE B 384 13.79 0.27 17.94
C ILE B 384 12.52 0.66 18.60
N PRO B 385 11.66 1.35 17.88
CA PRO B 385 10.45 1.77 18.39
C PRO B 385 9.55 0.65 18.21
N GLN B 386 8.60 0.54 19.11
CA GLN B 386 7.73 -0.52 19.20
C GLN B 386 6.92 -0.55 18.00
N ALA B 387 6.57 0.62 17.52
CA ALA B 387 5.80 0.69 16.31
C ALA B 387 6.44 0.04 15.09
N VAL B 388 7.79 0.17 14.95
CA VAL B 388 8.45 -0.27 13.75
C VAL B 388 8.19 -1.69 13.64
N LEU B 389 8.34 -2.39 14.76
CA LEU B 389 8.13 -3.79 14.77
C LEU B 389 6.74 -4.16 14.56
N SER B 390 5.83 -3.30 14.95
CA SER B 390 4.47 -3.62 14.75
C SER B 390 4.20 -3.67 13.31
N GLY B 391 4.85 -2.73 12.64
CA GLY B 391 4.85 -2.66 11.26
C GLY B 391 5.44 -3.89 10.78
N LEU B 392 6.49 -4.34 11.42
CA LEU B 392 7.21 -5.50 11.05
C LEU B 392 6.32 -6.62 11.07
N PHE B 393 5.38 -6.68 12.03
CA PHE B 393 4.50 -7.78 12.10
C PHE B 393 3.89 -7.79 10.79
N PHE B 394 3.43 -6.66 10.37
CA PHE B 394 2.89 -6.60 9.09
C PHE B 394 3.72 -6.93 7.94
N ILE B 395 4.95 -6.43 7.82
CA ILE B 395 5.63 -6.79 6.59
C ILE B 395 5.85 -8.20 6.59
N MET B 396 6.20 -8.65 7.76
CA MET B 396 6.48 -9.97 7.97
C MET B 396 5.30 -10.75 7.63
N GLY B 397 4.18 -10.20 7.99
CA GLY B 397 2.95 -10.80 7.79
C GLY B 397 2.58 -11.06 6.39
N ILE B 398 2.73 -10.14 5.42
CA ILE B 398 2.07 -10.52 4.18
C ILE B 398 2.66 -11.67 3.57
N ASN B 399 3.97 -11.67 3.54
CA ASN B 399 4.90 -12.71 3.27
C ASN B 399 4.34 -13.97 3.61
N GLY B 400 4.52 -14.96 2.80
CA GLY B 400 4.10 -16.25 3.21
C GLY B 400 2.65 -16.41 3.12
N LEU B 401 1.97 -15.37 2.70
CA LEU B 401 0.67 -15.54 2.18
C LEU B 401 0.94 -15.67 0.76
N MET B 402 2.16 -16.06 0.48
CA MET B 402 2.88 -16.00 -0.68
C MET B 402 3.18 -17.40 -0.91
N THR B 403 2.59 -18.32 -0.13
CA THR B 403 3.02 -19.66 -0.15
C THR B 403 1.91 -20.49 0.29
N ASN B 404 0.71 -19.92 0.38
CA ASN B 404 -0.40 -20.74 0.65
C ASN B 404 -0.88 -20.89 -0.74
N VAL B 405 -0.34 -21.96 -1.26
CA VAL B 405 -0.35 -22.49 -2.54
C VAL B 405 -1.65 -22.96 -2.75
N ILE B 406 -2.28 -23.31 -1.70
CA ILE B 406 -3.61 -23.70 -1.68
C ILE B 406 -4.36 -22.54 -2.13
N ILE B 407 -4.00 -21.39 -1.62
CA ILE B 407 -4.58 -20.17 -1.94
C ILE B 407 -4.31 -19.95 -3.27
N HIS B 408 -3.13 -20.28 -3.62
CA HIS B 408 -2.75 -20.07 -4.91
C HIS B 408 -3.61 -20.86 -5.79
N ARG B 409 -3.84 -22.05 -5.35
CA ARG B 409 -4.44 -23.06 -6.07
C ARG B 409 -5.83 -22.55 -6.17
N ILE B 410 -6.30 -21.89 -5.16
CA ILE B 410 -7.49 -21.20 -5.15
C ILE B 410 -7.56 -20.19 -6.13
N VAL B 411 -6.49 -19.50 -6.22
CA VAL B 411 -6.33 -18.30 -6.87
C VAL B 411 -6.60 -18.46 -8.26
N PHE B 412 -6.18 -19.61 -8.80
CA PHE B 412 -6.31 -19.85 -10.20
C PHE B 412 -7.73 -19.70 -10.58
N LEU B 413 -8.64 -20.01 -9.65
CA LEU B 413 -10.02 -19.88 -9.95
C LEU B 413 -10.34 -18.53 -10.41
N PHE B 414 -9.86 -17.52 -9.75
CA PHE B 414 -10.23 -16.21 -10.19
C PHE B 414 -9.71 -15.91 -11.47
N SER B 415 -8.50 -16.35 -11.76
CA SER B 415 -7.97 -15.90 -13.01
C SER B 415 -7.92 -16.92 -14.10
N ASP B 416 -8.30 -16.36 -15.26
CA ASP B 416 -8.41 -16.75 -16.63
C ASP B 416 -7.93 -18.09 -16.96
N PRO B 417 -8.59 -18.86 -17.80
CA PRO B 417 -8.07 -20.09 -18.22
C PRO B 417 -7.21 -19.75 -19.32
N LYS B 418 -7.32 -18.53 -19.84
CA LYS B 418 -6.33 -18.04 -20.72
C LYS B 418 -5.40 -17.22 -19.93
N ARG B 419 -5.17 -17.76 -18.74
CA ARG B 419 -4.05 -17.53 -17.94
C ARG B 419 -3.88 -18.91 -17.39
N ARG B 420 -2.66 -19.17 -16.89
CA ARG B 420 -2.20 -20.47 -16.47
C ARG B 420 -0.89 -20.17 -15.90
N ASP B 421 -0.48 -20.98 -14.92
CA ASP B 421 0.89 -20.96 -14.59
C ASP B 421 1.12 -22.32 -14.12
N ASN B 422 2.37 -22.77 -14.24
CA ASN B 422 2.93 -24.02 -13.82
C ASN B 422 1.96 -25.15 -13.65
N ASN B 423 1.96 -25.74 -12.44
CA ASN B 423 1.27 -26.91 -11.98
C ASN B 423 -0.17 -26.64 -11.65
N SER B 424 -0.76 -25.62 -12.35
CA SER B 424 -2.15 -25.25 -12.39
C SER B 424 -2.89 -26.41 -12.90
N PRO B 425 -2.41 -27.26 -13.80
CA PRO B 425 -3.12 -28.40 -14.25
C PRO B 425 -3.45 -29.28 -13.12
N LEU B 426 -2.71 -29.32 -11.97
CA LEU B 426 -2.92 -30.29 -10.90
C LEU B 426 -4.35 -30.14 -10.59
N ALA B 427 -4.67 -28.89 -10.27
CA ALA B 427 -5.98 -28.45 -10.01
C ALA B 427 -6.87 -28.40 -11.21
N LYS B 428 -6.34 -27.95 -12.35
CA LYS B 428 -7.12 -27.54 -13.45
C LYS B 428 -7.89 -28.70 -13.86
N ILE B 429 -7.15 -29.76 -13.88
CA ILE B 429 -7.65 -31.02 -14.17
C ILE B 429 -8.63 -31.51 -13.14
N SER B 430 -8.46 -31.31 -11.85
CA SER B 430 -9.48 -31.77 -10.94
C SER B 430 -10.12 -30.54 -10.43
N LYS B 431 -10.79 -29.85 -11.34
CA LYS B 431 -11.24 -28.51 -11.19
C LYS B 431 -12.23 -28.25 -10.13
N ARG B 432 -13.19 -29.09 -10.18
CA ARG B 432 -14.28 -29.08 -9.34
C ARG B 432 -13.88 -29.60 -8.13
N SER B 433 -13.04 -30.57 -8.26
CA SER B 433 -12.57 -31.32 -7.20
C SER B 433 -11.72 -30.41 -6.36
N MET B 434 -11.18 -29.40 -7.03
CA MET B 434 -10.36 -28.46 -6.38
C MET B 434 -11.11 -27.79 -5.33
N VAL B 435 -12.29 -27.38 -5.75
CA VAL B 435 -13.02 -26.51 -4.95
C VAL B 435 -13.32 -27.11 -3.69
N ILE B 436 -13.64 -28.39 -3.77
CA ILE B 436 -13.95 -29.10 -2.60
C ILE B 436 -12.80 -29.13 -1.71
N PHE B 437 -11.64 -29.30 -2.28
CA PHE B 437 -10.52 -29.47 -1.47
C PHE B 437 -10.35 -28.38 -0.59
N LEU B 438 -10.56 -27.23 -1.11
CA LEU B 438 -10.31 -26.07 -0.38
C LEU B 438 -11.02 -26.02 0.85
N CYS B 439 -12.14 -26.59 0.83
CA CYS B 439 -12.97 -26.63 1.93
C CYS B 439 -12.33 -27.28 3.01
N PHE B 440 -11.63 -28.30 2.72
CA PHE B 440 -11.04 -29.14 3.69
C PHE B 440 -10.12 -28.42 4.53
N SER B 441 -9.41 -27.71 3.76
CA SER B 441 -8.42 -26.82 4.16
C SER B 441 -9.05 -25.79 5.02
N LEU B 442 -10.21 -25.40 4.53
CA LEU B 442 -10.94 -24.38 5.12
C LEU B 442 -11.39 -24.83 6.42
N ALA B 443 -11.65 -26.12 6.56
CA ALA B 443 -12.24 -26.70 7.73
C ALA B 443 -11.41 -26.44 8.87
N GLY B 444 -10.12 -26.60 8.58
CA GLY B 444 -9.21 -26.21 9.59
C GLY B 444 -9.30 -24.77 9.77
N PHE B 445 -9.39 -24.04 8.68
CA PHE B 445 -9.32 -22.67 8.76
C PHE B 445 -10.31 -22.04 9.71
N THR B 446 -11.55 -22.42 9.68
CA THR B 446 -12.41 -21.88 10.69
C THR B 446 -12.01 -22.38 12.02
N GLY B 447 -11.80 -23.70 11.87
CA GLY B 447 -11.99 -24.65 12.88
C GLY B 447 -11.12 -24.22 13.93
N GLU B 448 -9.90 -23.86 13.60
CA GLU B 448 -9.07 -23.40 14.63
C GLU B 448 -9.43 -22.17 15.34
N PHE B 449 -10.01 -21.10 14.72
CA PHE B 449 -10.23 -19.95 15.57
C PHE B 449 -11.13 -20.32 16.66
N ALA B 450 -12.13 -21.06 16.24
CA ALA B 450 -13.16 -21.50 17.07
C ALA B 450 -12.59 -22.36 18.15
N ILE B 451 -11.64 -23.19 17.80
CA ILE B 451 -11.03 -24.13 18.67
C ILE B 451 -10.37 -23.42 19.76
N THR B 452 -9.72 -22.30 19.48
CA THR B 452 -8.86 -21.67 20.42
C THR B 452 -9.59 -21.35 21.62
N ASN B 453 -10.84 -21.10 21.35
CA ASN B 453 -11.82 -20.74 22.27
C ASN B 453 -12.09 -21.83 23.24
N THR B 454 -12.03 -23.10 22.85
CA THR B 454 -12.45 -24.13 23.75
C THR B 454 -11.33 -24.69 24.49
N ILE B 455 -10.13 -24.25 24.10
CA ILE B 455 -8.87 -24.63 24.63
C ILE B 455 -8.06 -24.01 23.58
N ALA B 456 -6.94 -23.42 23.96
CA ALA B 456 -6.03 -22.76 23.08
C ALA B 456 -5.75 -23.49 21.82
N ALA B 457 -5.63 -22.68 20.77
CA ALA B 457 -5.43 -22.97 19.38
C ALA B 457 -4.29 -23.87 19.12
N ILE B 458 -3.37 -23.78 20.05
CA ILE B 458 -2.12 -24.40 20.03
C ILE B 458 -2.27 -25.86 19.78
N GLY B 459 -3.36 -26.48 20.27
CA GLY B 459 -3.69 -27.89 20.19
C GLY B 459 -3.83 -28.37 18.80
N PHE B 460 -4.08 -27.44 17.89
CA PHE B 460 -4.46 -27.75 16.58
C PHE B 460 -3.64 -28.71 15.85
N PRO B 461 -2.35 -28.75 15.85
CA PRO B 461 -1.62 -29.55 15.00
C PRO B 461 -1.95 -30.92 15.24
N LEU B 462 -2.33 -31.23 16.45
CA LEU B 462 -2.48 -32.56 16.86
C LEU B 462 -3.59 -33.01 16.15
N VAL B 463 -4.54 -32.15 16.17
CA VAL B 463 -5.68 -32.33 15.48
C VAL B 463 -5.35 -32.36 14.09
N LEU B 464 -4.44 -31.53 13.71
CA LEU B 464 -4.05 -31.37 12.40
C LEU B 464 -3.53 -32.62 11.97
N LEU B 465 -2.79 -33.26 12.83
CA LEU B 465 -2.15 -34.44 12.47
C LEU B 465 -3.16 -35.45 12.27
N LEU B 466 -4.07 -35.44 13.18
CA LEU B 466 -5.08 -36.37 13.23
C LEU B 466 -5.82 -36.33 11.97
N SER B 467 -6.07 -35.12 11.57
CA SER B 467 -6.71 -34.79 10.37
C SER B 467 -5.99 -35.16 9.17
N VAL B 468 -4.80 -34.65 9.06
CA VAL B 468 -4.10 -34.59 7.85
C VAL B 468 -3.91 -35.96 7.47
N ILE B 469 -3.49 -36.80 8.41
CA ILE B 469 -3.19 -38.14 8.07
C ILE B 469 -4.36 -38.82 7.54
N VAL B 470 -5.51 -38.62 8.10
CA VAL B 470 -6.55 -39.33 7.52
C VAL B 470 -6.92 -38.91 6.16
N SER B 471 -6.57 -37.70 5.77
CA SER B 471 -7.16 -37.10 4.61
C SER B 471 -6.95 -37.68 3.27
N PHE B 472 -6.42 -38.90 3.19
CA PHE B 472 -6.25 -39.69 1.98
C PHE B 472 -7.49 -39.87 1.34
N SER B 473 -8.41 -39.77 2.19
CA SER B 473 -9.68 -39.89 1.94
C SER B 473 -10.21 -38.99 0.96
N PHE B 474 -9.62 -37.86 0.62
CA PHE B 474 -10.21 -37.22 -0.52
C PHE B 474 -10.02 -38.04 -1.77
N THR B 475 -8.79 -38.30 -1.57
CA THR B 475 -7.83 -37.84 -2.48
C THR B 475 -7.95 -38.23 -3.87
N TYR B 476 -8.57 -39.34 -3.88
CA TYR B 476 -9.28 -40.03 -4.82
C TYR B 476 -9.97 -39.02 -5.79
#